data_2EN8
#
_entry.id   2EN8
#
loop_
_entity.id
_entity.type
_entity.pdbx_description
1 polymer 'Zinc finger protein 224'
2 non-polymer 'ZINC ION'
#
_entity_poly.entity_id   1
_entity_poly.type   'polypeptide(L)'
_entity_poly.pdbx_seq_one_letter_code
;GSSGSSGSGEKSHTCDECGKNFCYISALRIHQRVHMGEKCSGPSSG
;
_entity_poly.pdbx_strand_id   A
#
loop_
_chem_comp.id
_chem_comp.type
_chem_comp.name
_chem_comp.formula
ZN non-polymer 'ZINC ION' 'Zn 2'
#
# COMPACT_ATOMS: atom_id res chain seq x y z
N GLY A 1 28.19 -16.27 -7.47
CA GLY A 1 27.52 -16.44 -6.19
C GLY A 1 27.65 -15.22 -5.30
N SER A 2 26.93 -14.17 -5.66
CA SER A 2 26.96 -12.93 -4.89
C SER A 2 25.56 -12.34 -4.73
N SER A 3 25.22 -11.98 -3.50
CA SER A 3 23.90 -11.42 -3.21
C SER A 3 23.76 -10.02 -3.83
N GLY A 4 22.66 -9.82 -4.55
CA GLY A 4 22.42 -8.54 -5.18
C GLY A 4 21.01 -8.04 -4.96
N SER A 5 20.60 -7.99 -3.69
CA SER A 5 19.26 -7.52 -3.34
C SER A 5 19.28 -6.07 -2.89
N SER A 6 19.21 -5.16 -3.85
CA SER A 6 19.23 -3.73 -3.56
C SER A 6 17.82 -3.20 -3.33
N GLY A 7 17.69 -2.25 -2.41
CA GLY A 7 16.39 -1.67 -2.12
C GLY A 7 16.40 -0.16 -2.17
N SER A 8 15.67 0.41 -3.12
CA SER A 8 15.59 1.86 -3.28
C SER A 8 14.16 2.32 -3.44
N GLY A 9 13.67 3.06 -2.45
CA GLY A 9 12.30 3.56 -2.49
C GLY A 9 12.15 4.89 -1.78
N GLU A 10 11.53 4.85 -0.60
CA GLU A 10 11.31 6.06 0.18
C GLU A 10 11.04 5.73 1.64
N LYS A 11 11.30 6.69 2.53
CA LYS A 11 11.09 6.50 3.95
C LYS A 11 9.60 6.42 4.28
N SER A 12 8.76 6.64 3.26
CA SER A 12 7.32 6.60 3.44
C SER A 12 6.71 5.38 2.77
N HIS A 13 5.76 4.74 3.44
CA HIS A 13 5.11 3.56 2.91
C HIS A 13 4.32 3.88 1.64
N THR A 14 4.62 3.17 0.56
CA THR A 14 3.96 3.39 -0.72
C THR A 14 3.10 2.19 -1.10
N CYS A 15 1.87 2.46 -1.52
CA CYS A 15 0.95 1.39 -1.93
C CYS A 15 1.34 0.82 -3.29
N ASP A 16 1.72 -0.45 -3.29
CA ASP A 16 2.12 -1.13 -4.52
C ASP A 16 0.91 -1.39 -5.42
N GLU A 17 -0.29 -1.23 -4.84
CA GLU A 17 -1.52 -1.46 -5.58
C GLU A 17 -1.77 -0.34 -6.59
N CYS A 18 -1.54 0.90 -6.16
CA CYS A 18 -1.75 2.05 -7.02
C CYS A 18 -0.48 2.91 -7.08
N GLY A 19 0.16 3.09 -5.94
CA GLY A 19 1.37 3.88 -5.88
C GLY A 19 1.22 5.12 -5.02
N LYS A 20 0.31 5.06 -4.06
CA LYS A 20 0.06 6.18 -3.16
C LYS A 20 1.15 6.28 -2.09
N ASN A 21 1.02 7.25 -1.21
CA ASN A 21 1.99 7.46 -0.14
C ASN A 21 1.30 7.65 1.20
N PHE A 22 1.88 7.06 2.24
CA PHE A 22 1.32 7.16 3.59
C PHE A 22 2.42 7.19 4.64
N CYS A 23 2.58 8.34 5.28
CA CYS A 23 3.61 8.50 6.31
C CYS A 23 3.57 7.34 7.30
N TYR A 24 2.37 6.97 7.74
CA TYR A 24 2.20 5.88 8.68
C TYR A 24 1.58 4.67 8.01
N ILE A 25 2.28 3.54 8.09
CA ILE A 25 1.79 2.30 7.49
C ILE A 25 0.30 2.08 7.81
N SER A 26 -0.07 2.33 9.05
CA SER A 26 -1.44 2.16 9.50
C SER A 26 -2.42 2.75 8.46
N ALA A 27 -2.11 3.95 8.00
CA ALA A 27 -2.95 4.62 7.01
C ALA A 27 -3.04 3.82 5.72
N LEU A 28 -1.90 3.37 5.23
CA LEU A 28 -1.84 2.59 4.00
C LEU A 28 -2.81 1.42 4.07
N ARG A 29 -2.78 0.68 5.18
CA ARG A 29 -3.65 -0.47 5.36
C ARG A 29 -5.11 -0.07 5.18
N ILE A 30 -5.49 1.06 5.76
CA ILE A 30 -6.86 1.55 5.66
C ILE A 30 -7.23 1.86 4.21
N HIS A 31 -6.28 2.41 3.47
CA HIS A 31 -6.50 2.76 2.06
C HIS A 31 -6.59 1.50 1.21
N GLN A 32 -5.75 0.51 1.53
CA GLN A 32 -5.73 -0.74 0.78
C GLN A 32 -7.13 -1.32 0.65
N ARG A 33 -7.98 -1.00 1.62
CA ARG A 33 -9.36 -1.50 1.61
C ARG A 33 -10.05 -1.18 0.28
N VAL A 34 -9.62 -0.09 -0.35
CA VAL A 34 -10.20 0.32 -1.62
C VAL A 34 -9.82 -0.66 -2.73
N HIS A 35 -8.71 -1.35 -2.55
CA HIS A 35 -8.23 -2.32 -3.54
C HIS A 35 -8.89 -3.67 -3.33
N MET A 36 -9.22 -3.98 -2.07
CA MET A 36 -9.86 -5.25 -1.74
C MET A 36 -11.03 -5.53 -2.67
N GLY A 37 -10.94 -6.64 -3.41
CA GLY A 37 -11.99 -7.00 -4.33
C GLY A 37 -11.79 -8.38 -4.93
N GLU A 38 -10.55 -8.68 -5.29
CA GLU A 38 -10.22 -9.97 -5.89
C GLU A 38 -10.07 -11.05 -4.82
N LYS A 39 -10.98 -11.05 -3.85
CA LYS A 39 -10.95 -12.02 -2.77
C LYS A 39 -12.37 -12.39 -2.34
N CYS A 40 -12.59 -13.68 -2.13
CA CYS A 40 -13.91 -14.17 -1.71
C CYS A 40 -13.80 -14.99 -0.42
N SER A 41 -12.62 -15.53 -0.17
CA SER A 41 -12.39 -16.33 1.03
C SER A 41 -11.09 -15.93 1.71
N GLY A 42 -10.68 -14.68 1.51
CA GLY A 42 -9.46 -14.18 2.12
C GLY A 42 -8.37 -15.23 2.16
N PRO A 43 -7.71 -15.44 1.01
CA PRO A 43 -6.63 -16.43 0.90
C PRO A 43 -5.37 -16.01 1.66
N SER A 44 -4.95 -14.77 1.44
CA SER A 44 -3.76 -14.25 2.11
C SER A 44 -4.11 -13.06 3.00
N SER A 45 -3.22 -12.73 3.93
CA SER A 45 -3.44 -11.62 4.85
C SER A 45 -3.33 -10.29 4.11
N GLY A 46 -3.97 -9.26 4.67
CA GLY A 46 -3.92 -7.95 4.05
C GLY A 46 -5.26 -7.24 4.11
ZN ZN B . -3.52 1.86 -3.21
N GLY A 1 32.72 10.26 16.76
CA GLY A 1 31.87 10.40 15.59
C GLY A 1 31.71 9.09 14.84
N SER A 2 30.68 9.02 13.99
CA SER A 2 30.42 7.83 13.20
C SER A 2 29.61 8.16 11.97
N SER A 3 29.64 7.26 10.98
CA SER A 3 28.91 7.45 9.74
C SER A 3 27.83 6.38 9.57
N GLY A 4 27.12 6.09 10.65
CA GLY A 4 26.07 5.09 10.60
C GLY A 4 24.71 5.66 10.92
N SER A 5 23.69 5.20 10.20
CA SER A 5 22.33 5.68 10.41
C SER A 5 21.34 4.88 9.58
N SER A 6 20.05 5.18 9.74
CA SER A 6 19.00 4.48 9.01
C SER A 6 19.02 4.87 7.53
N GLY A 7 18.21 4.17 6.73
CA GLY A 7 18.15 4.45 5.32
C GLY A 7 17.24 3.49 4.57
N SER A 8 17.38 2.21 4.87
CA SER A 8 16.56 1.18 4.22
C SER A 8 15.10 1.62 4.13
N GLY A 9 14.34 0.95 3.27
CA GLY A 9 12.94 1.29 3.11
C GLY A 9 12.74 2.71 2.63
N GLU A 10 11.71 2.92 1.82
CA GLU A 10 11.40 4.25 1.29
C GLU A 10 11.15 5.24 2.43
N LYS A 11 11.27 6.53 2.12
CA LYS A 11 11.05 7.57 3.11
C LYS A 11 9.59 7.61 3.56
N SER A 12 8.77 6.78 2.92
CA SER A 12 7.35 6.72 3.24
C SER A 12 6.70 5.48 2.63
N HIS A 13 5.68 4.97 3.30
CA HIS A 13 4.97 3.78 2.82
C HIS A 13 4.13 4.11 1.58
N THR A 14 4.48 3.47 0.46
CA THR A 14 3.77 3.70 -0.80
C THR A 14 2.99 2.46 -1.21
N CYS A 15 1.71 2.65 -1.53
CA CYS A 15 0.86 1.55 -1.95
C CYS A 15 1.30 1.00 -3.30
N ASP A 16 1.75 -0.26 -3.31
CA ASP A 16 2.19 -0.90 -4.54
C ASP A 16 1.01 -1.22 -5.45
N GLU A 17 -0.19 -1.12 -4.89
CA GLU A 17 -1.41 -1.41 -5.65
C GLU A 17 -1.69 -0.30 -6.67
N CYS A 18 -1.56 0.94 -6.23
CA CYS A 18 -1.80 2.09 -7.09
C CYS A 18 -0.59 3.01 -7.14
N GLY A 19 0.08 3.14 -6.00
CA GLY A 19 1.26 4.00 -5.93
C GLY A 19 1.06 5.18 -5.01
N LYS A 20 0.12 5.07 -4.09
CA LYS A 20 -0.18 6.15 -3.14
C LYS A 20 0.95 6.31 -2.14
N ASN A 21 0.79 7.24 -1.21
CA ASN A 21 1.80 7.49 -0.18
C ASN A 21 1.15 7.63 1.20
N PHE A 22 1.82 7.09 2.21
CA PHE A 22 1.31 7.16 3.57
C PHE A 22 2.45 7.15 4.58
N CYS A 23 2.65 8.29 5.26
CA CYS A 23 3.71 8.41 6.24
C CYS A 23 3.67 7.26 7.25
N TYR A 24 2.46 6.90 7.67
CA TYR A 24 2.27 5.82 8.64
C TYR A 24 1.62 4.61 7.97
N ILE A 25 2.29 3.46 8.06
CA ILE A 25 1.78 2.23 7.47
C ILE A 25 0.30 2.05 7.78
N SER A 26 -0.06 2.27 9.03
CA SER A 26 -1.45 2.13 9.47
C SER A 26 -2.40 2.75 8.44
N ALA A 27 -2.07 3.96 7.99
CA ALA A 27 -2.90 4.65 7.00
C ALA A 27 -2.98 3.86 5.70
N LEU A 28 -1.82 3.42 5.21
CA LEU A 28 -1.76 2.66 3.97
C LEU A 28 -2.69 1.46 4.02
N ARG A 29 -2.65 0.73 5.13
CA ARG A 29 -3.48 -0.45 5.30
C ARG A 29 -4.96 -0.09 5.15
N ILE A 30 -5.36 1.03 5.76
CA ILE A 30 -6.74 1.48 5.69
C ILE A 30 -7.15 1.79 4.24
N HIS A 31 -6.22 2.34 3.48
CA HIS A 31 -6.48 2.68 2.09
C HIS A 31 -6.56 1.43 1.23
N GLN A 32 -5.65 0.49 1.47
CA GLN A 32 -5.62 -0.76 0.71
C GLN A 32 -7.01 -1.37 0.63
N ARG A 33 -7.84 -1.11 1.63
CA ARG A 33 -9.19 -1.63 1.66
C ARG A 33 -9.92 -1.36 0.35
N VAL A 34 -9.67 -0.19 -0.22
CA VAL A 34 -10.30 0.20 -1.48
C VAL A 34 -9.95 -0.78 -2.59
N HIS A 35 -8.75 -1.33 -2.52
CA HIS A 35 -8.29 -2.29 -3.52
C HIS A 35 -8.97 -3.64 -3.34
N MET A 36 -9.30 -3.96 -2.09
CA MET A 36 -9.95 -5.23 -1.78
C MET A 36 -11.10 -5.50 -2.76
N GLY A 37 -11.16 -6.73 -3.26
CA GLY A 37 -12.20 -7.10 -4.20
C GLY A 37 -13.55 -6.53 -3.81
N GLU A 38 -14.05 -5.58 -4.60
CA GLU A 38 -15.34 -4.96 -4.32
C GLU A 38 -16.24 -5.01 -5.56
N LYS A 39 -16.96 -6.11 -5.72
CA LYS A 39 -17.86 -6.28 -6.85
C LYS A 39 -19.16 -5.52 -6.63
N CYS A 40 -19.86 -5.86 -5.55
CA CYS A 40 -21.14 -5.21 -5.24
C CYS A 40 -21.00 -3.70 -5.34
N SER A 41 -19.97 -3.15 -4.73
CA SER A 41 -19.74 -1.71 -4.75
C SER A 41 -20.13 -1.12 -6.10
N GLY A 42 -19.70 -1.76 -7.17
CA GLY A 42 -20.02 -1.29 -8.51
C GLY A 42 -20.84 -2.28 -9.30
N PRO A 43 -21.05 -1.99 -10.59
CA PRO A 43 -21.82 -2.86 -11.49
C PRO A 43 -21.08 -4.16 -11.80
N SER A 44 -19.90 -4.33 -11.22
CA SER A 44 -19.11 -5.52 -11.44
C SER A 44 -19.99 -6.76 -11.53
N SER A 45 -19.57 -7.72 -12.35
CA SER A 45 -20.33 -8.95 -12.52
C SER A 45 -19.44 -10.18 -12.32
N GLY A 46 -18.35 -10.23 -13.08
CA GLY A 46 -17.43 -11.35 -12.97
C GLY A 46 -16.09 -10.94 -12.39
ZN ZN B . -3.59 1.82 -3.30
N GLY A 1 22.80 22.04 -11.09
CA GLY A 1 23.76 21.87 -10.01
C GLY A 1 23.15 21.22 -8.79
N SER A 2 21.96 21.67 -8.42
CA SER A 2 21.27 21.13 -7.25
C SER A 2 20.25 20.08 -7.66
N SER A 3 19.76 19.31 -6.69
CA SER A 3 18.77 18.28 -6.94
C SER A 3 17.36 18.85 -6.95
N GLY A 4 17.07 19.69 -5.95
CA GLY A 4 15.75 20.30 -5.86
C GLY A 4 15.12 20.10 -4.50
N SER A 5 13.80 20.25 -4.43
CA SER A 5 13.08 20.09 -3.17
C SER A 5 13.63 18.91 -2.37
N SER A 6 13.71 17.76 -3.02
CA SER A 6 14.21 16.55 -2.37
C SER A 6 15.36 16.89 -1.43
N GLY A 7 15.23 16.46 -0.17
CA GLY A 7 16.26 16.71 0.82
C GLY A 7 17.04 15.48 1.19
N SER A 8 16.63 14.81 2.26
CA SER A 8 17.30 13.60 2.72
C SER A 8 16.48 12.36 2.39
N GLY A 9 15.18 12.43 2.68
CA GLY A 9 14.30 11.31 2.41
C GLY A 9 13.90 10.57 3.67
N GLU A 10 13.02 9.58 3.52
CA GLU A 10 12.56 8.79 4.65
C GLU A 10 11.65 7.65 4.20
N LYS A 11 11.65 6.56 4.97
CA LYS A 11 10.83 5.40 4.64
C LYS A 11 9.38 5.81 4.41
N SER A 12 8.85 5.45 3.25
CA SER A 12 7.47 5.79 2.90
C SER A 12 6.74 4.57 2.35
N HIS A 13 5.60 4.24 2.95
CA HIS A 13 4.80 3.10 2.51
C HIS A 13 3.95 3.46 1.30
N THR A 14 4.37 2.98 0.13
CA THR A 14 3.65 3.25 -1.11
C THR A 14 2.79 2.06 -1.51
N CYS A 15 1.55 2.34 -1.90
CA CYS A 15 0.63 1.29 -2.31
C CYS A 15 1.01 0.73 -3.68
N ASP A 16 1.15 -0.58 -3.76
CA ASP A 16 1.51 -1.25 -5.00
C ASP A 16 0.27 -1.51 -5.86
N GLU A 17 -0.90 -1.33 -5.27
CA GLU A 17 -2.16 -1.55 -5.98
C GLU A 17 -2.41 -0.42 -6.98
N CYS A 18 -2.18 0.81 -6.55
CA CYS A 18 -2.39 1.97 -7.40
C CYS A 18 -1.11 2.79 -7.52
N GLY A 19 -0.43 3.00 -6.40
CA GLY A 19 0.79 3.76 -6.40
C GLY A 19 0.74 4.96 -5.47
N LYS A 20 -0.11 4.87 -4.44
CA LYS A 20 -0.26 5.95 -3.47
C LYS A 20 0.93 5.99 -2.51
N ASN A 21 0.90 6.93 -1.58
CA ASN A 21 1.98 7.08 -0.61
C ASN A 21 1.42 7.32 0.80
N PHE A 22 2.07 6.72 1.79
CA PHE A 22 1.63 6.86 3.17
C PHE A 22 2.82 6.83 4.12
N CYS A 23 3.12 7.96 4.74
CA CYS A 23 4.24 8.06 5.67
C CYS A 23 4.16 6.97 6.73
N TYR A 24 2.95 6.73 7.24
CA TYR A 24 2.75 5.71 8.26
C TYR A 24 1.95 4.54 7.71
N ILE A 25 2.48 3.34 7.86
CA ILE A 25 1.81 2.13 7.37
C ILE A 25 0.33 2.14 7.75
N SER A 26 0.06 2.41 9.02
CA SER A 26 -1.31 2.45 9.52
C SER A 26 -2.24 3.09 8.49
N ALA A 27 -1.80 4.20 7.92
CA ALA A 27 -2.60 4.91 6.92
C ALA A 27 -2.76 4.07 5.65
N LEU A 28 -1.63 3.66 5.06
CA LEU A 28 -1.66 2.86 3.86
C LEU A 28 -2.62 1.68 3.99
N ARG A 29 -2.48 0.94 5.09
CA ARG A 29 -3.34 -0.21 5.35
C ARG A 29 -4.81 0.16 5.22
N ILE A 30 -5.15 1.38 5.66
CA ILE A 30 -6.52 1.86 5.59
C ILE A 30 -6.97 2.03 4.14
N HIS A 31 -6.15 2.71 3.35
CA HIS A 31 -6.46 2.95 1.94
C HIS A 31 -6.64 1.63 1.20
N GLN A 32 -5.77 0.67 1.49
CA GLN A 32 -5.83 -0.64 0.84
C GLN A 32 -7.24 -1.21 0.91
N ARG A 33 -8.00 -0.78 1.92
CA ARG A 33 -9.36 -1.26 2.09
C ARG A 33 -10.17 -1.09 0.81
N VAL A 34 -9.68 -0.24 -0.08
CA VAL A 34 -10.35 0.01 -1.36
C VAL A 34 -10.03 -1.08 -2.37
N HIS A 35 -8.82 -1.63 -2.28
CA HIS A 35 -8.39 -2.67 -3.19
C HIS A 35 -8.79 -4.05 -2.67
N MET A 36 -9.64 -4.06 -1.65
CA MET A 36 -10.11 -5.30 -1.06
C MET A 36 -11.49 -5.67 -1.58
N GLY A 37 -12.33 -4.66 -1.80
CA GLY A 37 -13.66 -4.90 -2.30
C GLY A 37 -13.66 -5.59 -3.65
N GLU A 38 -14.85 -5.72 -4.25
CA GLU A 38 -14.97 -6.36 -5.55
C GLU A 38 -14.74 -5.37 -6.68
N LYS A 39 -15.61 -4.36 -6.77
CA LYS A 39 -15.50 -3.35 -7.80
C LYS A 39 -14.20 -2.55 -7.64
N CYS A 40 -13.15 -3.00 -8.31
CA CYS A 40 -11.86 -2.32 -8.24
C CYS A 40 -11.44 -1.80 -9.61
N SER A 41 -12.40 -1.27 -10.36
CA SER A 41 -12.14 -0.75 -11.69
C SER A 41 -13.04 0.44 -12.00
N GLY A 42 -12.43 1.61 -12.22
CA GLY A 42 -13.21 2.79 -12.53
C GLY A 42 -13.85 2.74 -13.89
N PRO A 43 -14.18 3.90 -14.45
CA PRO A 43 -14.82 4.02 -15.76
C PRO A 43 -13.87 3.64 -16.90
N SER A 44 -12.63 3.31 -16.54
CA SER A 44 -11.62 2.95 -17.52
C SER A 44 -11.01 1.59 -17.19
N SER A 45 -10.91 0.74 -18.21
CA SER A 45 -10.34 -0.60 -18.02
C SER A 45 -8.86 -0.63 -18.39
N GLY A 46 -8.03 -0.94 -17.42
CA GLY A 46 -6.59 -0.99 -17.66
C GLY A 46 -5.90 -2.08 -16.87
ZN ZN B . -3.83 1.79 -3.70
N GLY A 1 13.90 -6.03 -11.10
CA GLY A 1 14.27 -7.44 -11.08
C GLY A 1 15.75 -7.67 -11.20
N SER A 2 16.29 -7.47 -12.40
CA SER A 2 17.71 -7.65 -12.65
C SER A 2 18.40 -6.31 -12.90
N SER A 3 17.78 -5.49 -13.75
CA SER A 3 18.33 -4.19 -14.09
C SER A 3 17.27 -3.10 -13.93
N GLY A 4 17.05 -2.66 -12.70
CA GLY A 4 16.07 -1.62 -12.44
C GLY A 4 15.79 -1.45 -10.95
N SER A 5 16.84 -1.11 -10.20
CA SER A 5 16.70 -0.91 -8.76
C SER A 5 16.44 0.55 -8.43
N SER A 6 17.18 1.44 -9.08
CA SER A 6 17.03 2.87 -8.85
C SER A 6 15.56 3.26 -8.75
N GLY A 7 15.26 4.19 -7.86
CA GLY A 7 13.89 4.63 -7.68
C GLY A 7 13.28 4.12 -6.39
N SER A 8 13.52 4.85 -5.29
CA SER A 8 12.99 4.46 -3.99
C SER A 8 12.25 5.62 -3.33
N GLY A 9 12.95 6.74 -3.18
CA GLY A 9 12.35 7.91 -2.57
C GLY A 9 12.75 8.08 -1.12
N GLU A 10 11.82 8.54 -0.30
CA GLU A 10 12.08 8.74 1.12
C GLU A 10 11.41 7.67 1.96
N LYS A 11 11.90 7.49 3.19
CA LYS A 11 11.34 6.49 4.09
C LYS A 11 9.83 6.70 4.27
N SER A 12 9.04 6.02 3.44
CA SER A 12 7.60 6.13 3.50
C SER A 12 6.93 4.93 2.84
N HIS A 13 5.85 4.45 3.46
CA HIS A 13 5.12 3.30 2.91
C HIS A 13 4.39 3.68 1.64
N THR A 14 4.45 2.79 0.65
CA THR A 14 3.79 3.03 -0.63
C THR A 14 2.88 1.87 -1.01
N CYS A 15 1.70 2.19 -1.53
CA CYS A 15 0.74 1.17 -1.92
C CYS A 15 1.13 0.55 -3.27
N ASP A 16 1.53 -0.72 -3.23
CA ASP A 16 1.93 -1.42 -4.44
C ASP A 16 0.72 -1.67 -5.35
N GLU A 17 -0.47 -1.51 -4.80
CA GLU A 17 -1.70 -1.72 -5.54
C GLU A 17 -1.89 -0.63 -6.60
N CYS A 18 -1.64 0.61 -6.21
CA CYS A 18 -1.78 1.75 -7.11
C CYS A 18 -0.49 2.56 -7.17
N GLY A 19 0.13 2.77 -6.02
CA GLY A 19 1.37 3.52 -5.96
C GLY A 19 1.23 4.77 -5.10
N LYS A 20 0.35 4.73 -4.11
CA LYS A 20 0.13 5.86 -3.23
C LYS A 20 1.25 5.96 -2.18
N ASN A 21 1.12 6.93 -1.28
CA ASN A 21 2.12 7.14 -0.24
C ASN A 21 1.45 7.36 1.11
N PHE A 22 2.02 6.77 2.16
CA PHE A 22 1.48 6.91 3.50
C PHE A 22 2.59 6.89 4.54
N CYS A 23 2.83 8.04 5.18
CA CYS A 23 3.87 8.15 6.19
C CYS A 23 3.81 6.98 7.17
N TYR A 24 2.61 6.66 7.64
CA TYR A 24 2.42 5.56 8.58
C TYR A 24 1.73 4.38 7.90
N ILE A 25 2.37 3.22 7.97
CA ILE A 25 1.81 2.00 7.37
C ILE A 25 0.34 1.85 7.71
N SER A 26 0.00 2.14 8.96
CA SER A 26 -1.39 2.02 9.42
C SER A 26 -2.34 2.70 8.43
N ALA A 27 -1.97 3.89 7.98
CA ALA A 27 -2.79 4.63 7.03
C ALA A 27 -2.96 3.87 5.73
N LEU A 28 -1.86 3.36 5.19
CA LEU A 28 -1.89 2.60 3.95
C LEU A 28 -2.91 1.47 4.03
N ARG A 29 -2.90 0.74 5.14
CA ARG A 29 -3.81 -0.37 5.34
C ARG A 29 -5.27 0.09 5.18
N ILE A 30 -5.55 1.30 5.64
CA ILE A 30 -6.89 1.86 5.54
C ILE A 30 -7.28 2.11 4.08
N HIS A 31 -6.33 2.66 3.31
CA HIS A 31 -6.58 2.96 1.90
C HIS A 31 -6.71 1.67 1.09
N GLN A 32 -5.89 0.67 1.43
CA GLN A 32 -5.92 -0.60 0.73
C GLN A 32 -7.34 -1.14 0.64
N ARG A 33 -8.17 -0.77 1.61
CA ARG A 33 -9.55 -1.22 1.64
C ARG A 33 -10.25 -0.93 0.31
N VAL A 34 -9.88 0.18 -0.31
CA VAL A 34 -10.47 0.58 -1.59
C VAL A 34 -10.16 -0.45 -2.67
N HIS A 35 -9.05 -1.15 -2.52
CA HIS A 35 -8.63 -2.16 -3.49
C HIS A 35 -9.38 -3.47 -3.26
N MET A 36 -9.73 -3.74 -2.00
CA MET A 36 -10.45 -4.95 -1.66
C MET A 36 -11.71 -5.09 -2.50
N GLY A 37 -12.53 -4.04 -2.53
CA GLY A 37 -13.76 -4.06 -3.31
C GLY A 37 -14.96 -4.47 -2.47
N GLU A 38 -15.00 -5.74 -2.09
CA GLU A 38 -16.12 -6.25 -1.28
C GLU A 38 -15.68 -7.48 -0.49
N LYS A 39 -16.11 -7.54 0.77
CA LYS A 39 -15.77 -8.67 1.64
C LYS A 39 -16.91 -8.95 2.62
N CYS A 40 -16.91 -10.16 3.17
CA CYS A 40 -17.94 -10.55 4.13
C CYS A 40 -17.32 -11.01 5.44
N SER A 41 -17.10 -10.06 6.35
CA SER A 41 -16.50 -10.36 7.65
C SER A 41 -17.34 -9.76 8.77
N GLY A 42 -17.79 -10.63 9.68
CA GLY A 42 -18.60 -10.17 10.79
C GLY A 42 -17.94 -9.04 11.55
N PRO A 43 -17.21 -9.38 12.63
CA PRO A 43 -16.52 -8.41 13.47
C PRO A 43 -15.33 -7.78 12.75
N SER A 44 -15.60 -6.72 11.98
CA SER A 44 -14.54 -6.04 11.24
C SER A 44 -13.91 -4.93 12.09
N SER A 45 -12.72 -4.52 11.70
CA SER A 45 -11.99 -3.48 12.43
C SER A 45 -12.90 -2.27 12.68
N GLY A 46 -13.64 -1.87 11.66
CA GLY A 46 -14.53 -0.73 11.78
C GLY A 46 -13.93 0.55 11.22
ZN ZN B . -3.69 1.76 -3.39
N GLY A 1 13.88 1.51 -16.28
CA GLY A 1 14.73 2.63 -15.95
C GLY A 1 14.22 3.94 -16.52
N SER A 2 13.13 4.45 -15.95
CA SER A 2 12.54 5.70 -16.41
C SER A 2 13.15 6.89 -15.68
N SER A 3 13.82 7.75 -16.43
CA SER A 3 14.46 8.94 -15.86
C SER A 3 15.56 8.54 -14.88
N GLY A 4 16.35 7.54 -15.27
CA GLY A 4 17.44 7.08 -14.42
C GLY A 4 18.11 8.21 -13.67
N SER A 5 18.15 9.38 -14.30
CA SER A 5 18.79 10.55 -13.69
C SER A 5 17.78 11.33 -12.84
N SER A 6 17.09 10.61 -11.96
CA SER A 6 16.09 11.24 -11.10
C SER A 6 15.71 10.31 -9.95
N GLY A 7 15.01 10.84 -8.96
CA GLY A 7 14.61 10.05 -7.82
C GLY A 7 15.26 10.50 -6.53
N SER A 8 14.48 11.14 -5.67
CA SER A 8 15.00 11.63 -4.39
C SER A 8 14.96 10.53 -3.33
N GLY A 9 13.84 9.82 -3.27
CA GLY A 9 13.70 8.74 -2.30
C GLY A 9 13.17 9.24 -0.97
N GLU A 10 12.16 8.54 -0.44
CA GLU A 10 11.57 8.91 0.84
C GLU A 10 11.10 7.67 1.59
N LYS A 11 11.46 7.60 2.87
CA LYS A 11 11.09 6.48 3.72
C LYS A 11 9.61 6.56 4.12
N SER A 12 8.75 5.92 3.33
CA SER A 12 7.31 5.94 3.59
C SER A 12 6.64 4.73 2.95
N HIS A 13 5.60 4.22 3.61
CA HIS A 13 4.86 3.07 3.11
C HIS A 13 4.14 3.42 1.82
N THR A 14 4.56 2.81 0.72
CA THR A 14 3.95 3.05 -0.59
C THR A 14 3.09 1.87 -1.02
N CYS A 15 1.88 2.17 -1.50
CA CYS A 15 0.97 1.13 -1.96
C CYS A 15 1.39 0.58 -3.32
N ASP A 16 1.64 -0.72 -3.37
CA ASP A 16 2.05 -1.38 -4.61
C ASP A 16 0.85 -1.62 -5.51
N GLU A 17 -0.35 -1.42 -4.97
CA GLU A 17 -1.58 -1.63 -5.73
C GLU A 17 -1.80 -0.50 -6.74
N CYS A 18 -1.56 0.73 -6.29
CA CYS A 18 -1.74 1.90 -7.15
C CYS A 18 -0.48 2.77 -7.13
N GLY A 19 0.16 2.87 -5.98
CA GLY A 19 1.36 3.66 -5.86
C GLY A 19 1.21 4.80 -4.87
N LYS A 20 0.15 4.75 -4.08
CA LYS A 20 -0.11 5.79 -3.09
C LYS A 20 1.08 5.95 -2.14
N ASN A 21 0.97 6.90 -1.21
CA ASN A 21 2.03 7.15 -0.25
C ASN A 21 1.46 7.34 1.15
N PHE A 22 2.12 6.73 2.14
CA PHE A 22 1.68 6.83 3.52
C PHE A 22 2.86 6.67 4.48
N CYS A 23 3.20 7.75 5.17
CA CYS A 23 4.31 7.74 6.11
C CYS A 23 4.06 6.73 7.23
N TYR A 24 2.79 6.50 7.54
CA TYR A 24 2.42 5.55 8.58
C TYR A 24 1.64 4.38 8.01
N ILE A 25 2.25 3.20 8.06
CA ILE A 25 1.62 1.99 7.55
C ILE A 25 0.12 1.97 7.85
N SER A 26 -0.23 2.27 9.10
CA SER A 26 -1.62 2.30 9.52
C SER A 26 -2.50 2.92 8.44
N ALA A 27 -2.09 4.09 7.95
CA ALA A 27 -2.84 4.79 6.91
C ALA A 27 -2.98 3.93 5.66
N LEU A 28 -1.85 3.41 5.18
CA LEU A 28 -1.84 2.58 3.98
C LEU A 28 -2.90 1.48 4.08
N ARG A 29 -2.93 0.80 5.22
CA ARG A 29 -3.90 -0.27 5.44
C ARG A 29 -5.32 0.22 5.23
N ILE A 30 -5.62 1.40 5.76
CA ILE A 30 -6.95 1.98 5.63
C ILE A 30 -7.28 2.27 4.17
N HIS A 31 -6.26 2.64 3.40
CA HIS A 31 -6.45 2.95 1.99
C HIS A 31 -6.63 1.67 1.18
N GLN A 32 -5.85 0.64 1.52
CA GLN A 32 -5.93 -0.64 0.83
C GLN A 32 -7.38 -1.13 0.75
N ARG A 33 -8.21 -0.63 1.65
CA ARG A 33 -9.63 -1.02 1.67
C ARG A 33 -10.28 -0.78 0.32
N VAL A 34 -9.73 0.16 -0.45
CA VAL A 34 -10.25 0.48 -1.77
C VAL A 34 -9.91 -0.61 -2.77
N HIS A 35 -8.79 -1.28 -2.55
CA HIS A 35 -8.34 -2.35 -3.44
C HIS A 35 -9.00 -3.68 -3.07
N MET A 36 -10.01 -3.61 -2.20
CA MET A 36 -10.71 -4.81 -1.76
C MET A 36 -12.11 -4.87 -2.35
N GLY A 37 -12.44 -5.98 -3.00
CA GLY A 37 -13.75 -6.14 -3.60
C GLY A 37 -14.11 -7.60 -3.83
N GLU A 38 -15.38 -7.85 -4.12
CA GLU A 38 -15.85 -9.20 -4.36
C GLU A 38 -15.05 -9.87 -5.48
N LYS A 39 -14.15 -10.77 -5.09
CA LYS A 39 -13.32 -11.49 -6.06
C LYS A 39 -14.17 -12.34 -7.00
N CYS A 40 -15.42 -12.56 -6.61
CA CYS A 40 -16.34 -13.35 -7.41
C CYS A 40 -17.61 -12.56 -7.73
N SER A 41 -17.57 -11.82 -8.83
CA SER A 41 -18.71 -11.00 -9.25
C SER A 41 -19.79 -11.88 -9.89
N GLY A 42 -20.90 -11.26 -10.26
CA GLY A 42 -21.98 -11.99 -10.88
C GLY A 42 -21.49 -13.05 -11.84
N PRO A 43 -22.24 -14.17 -11.92
CA PRO A 43 -21.89 -15.29 -12.80
C PRO A 43 -22.08 -14.95 -14.27
N SER A 44 -23.25 -14.42 -14.60
CA SER A 44 -23.55 -14.05 -15.98
C SER A 44 -22.56 -13.01 -16.50
N SER A 45 -22.24 -13.09 -17.78
CA SER A 45 -21.30 -12.17 -18.40
C SER A 45 -21.83 -11.67 -19.74
N GLY A 46 -22.34 -10.45 -19.76
CA GLY A 46 -22.88 -9.87 -20.98
C GLY A 46 -22.12 -8.64 -21.43
ZN ZN B . -3.46 1.67 -3.39
N GLY A 1 17.92 2.86 -19.10
CA GLY A 1 19.25 3.46 -19.13
C GLY A 1 19.60 4.13 -17.81
N SER A 2 18.63 4.81 -17.21
CA SER A 2 18.85 5.50 -15.95
C SER A 2 18.14 4.79 -14.81
N SER A 3 18.40 5.24 -13.58
CA SER A 3 17.78 4.65 -12.41
C SER A 3 16.28 4.44 -12.62
N GLY A 4 15.77 3.34 -12.10
CA GLY A 4 14.36 3.04 -12.24
C GLY A 4 13.47 4.17 -11.77
N SER A 5 13.22 4.21 -10.45
CA SER A 5 12.39 5.25 -9.87
C SER A 5 13.20 6.15 -8.95
N SER A 6 13.21 7.44 -9.25
CA SER A 6 13.95 8.41 -8.46
C SER A 6 13.03 9.17 -7.51
N GLY A 7 12.77 8.58 -6.34
CA GLY A 7 11.90 9.21 -5.37
C GLY A 7 11.63 8.32 -4.18
N SER A 8 12.69 7.77 -3.60
CA SER A 8 12.56 6.90 -2.44
C SER A 8 13.59 7.27 -1.37
N GLY A 9 13.27 8.29 -0.59
CA GLY A 9 14.17 8.73 0.46
C GLY A 9 13.56 8.58 1.85
N GLU A 10 12.80 9.58 2.26
CA GLU A 10 12.16 9.56 3.58
C GLU A 10 11.38 8.26 3.78
N LYS A 11 11.87 7.43 4.70
CA LYS A 11 11.22 6.15 4.99
C LYS A 11 9.70 6.28 4.94
N SER A 12 9.11 5.77 3.87
CA SER A 12 7.66 5.83 3.71
C SER A 12 7.14 4.61 2.95
N HIS A 13 5.89 4.26 3.20
CA HIS A 13 5.28 3.10 2.55
C HIS A 13 4.50 3.53 1.30
N THR A 14 4.43 2.64 0.31
CA THR A 14 3.73 2.94 -0.92
C THR A 14 2.81 1.78 -1.32
N CYS A 15 1.63 2.12 -1.83
CA CYS A 15 0.66 1.11 -2.25
C CYS A 15 1.00 0.57 -3.63
N ASP A 16 1.31 -0.72 -3.69
CA ASP A 16 1.66 -1.36 -4.95
C ASP A 16 0.41 -1.59 -5.81
N GLU A 17 -0.76 -1.48 -5.19
CA GLU A 17 -2.02 -1.67 -5.88
C GLU A 17 -2.28 -0.54 -6.87
N CYS A 18 -2.06 0.69 -6.41
CA CYS A 18 -2.26 1.87 -7.26
C CYS A 18 -0.98 2.69 -7.35
N GLY A 19 -0.26 2.77 -6.25
CA GLY A 19 0.99 3.53 -6.23
C GLY A 19 0.93 4.72 -5.28
N LYS A 20 -0.04 4.69 -4.37
CA LYS A 20 -0.21 5.76 -3.40
C LYS A 20 0.95 5.77 -2.39
N ASN A 21 1.07 6.87 -1.67
CA ASN A 21 2.13 7.01 -0.66
C ASN A 21 1.55 7.33 0.70
N PHE A 22 2.08 6.68 1.74
CA PHE A 22 1.61 6.89 3.10
C PHE A 22 2.78 6.86 4.09
N CYS A 23 3.07 8.02 4.67
CA CYS A 23 4.17 8.13 5.63
C CYS A 23 4.12 7.00 6.65
N TYR A 24 2.93 6.73 7.17
CA TYR A 24 2.74 5.68 8.16
C TYR A 24 1.99 4.49 7.56
N ILE A 25 2.58 3.31 7.68
CA ILE A 25 1.96 2.09 7.15
C ILE A 25 0.50 1.99 7.56
N SER A 26 0.22 2.29 8.83
CA SER A 26 -1.14 2.23 9.35
C SER A 26 -2.12 2.87 8.37
N ALA A 27 -1.75 4.03 7.84
CA ALA A 27 -2.60 4.74 6.88
C ALA A 27 -2.82 3.91 5.63
N LEU A 28 -1.73 3.40 5.06
CA LEU A 28 -1.81 2.60 3.85
C LEU A 28 -2.83 1.48 4.00
N ARG A 29 -2.80 0.80 5.15
CA ARG A 29 -3.73 -0.29 5.42
C ARG A 29 -5.17 0.18 5.28
N ILE A 30 -5.45 1.39 5.74
CA ILE A 30 -6.79 1.96 5.66
C ILE A 30 -7.21 2.18 4.22
N HIS A 31 -6.24 2.58 3.39
CA HIS A 31 -6.51 2.83 1.97
C HIS A 31 -6.73 1.52 1.22
N GLN A 32 -5.83 0.57 1.44
CA GLN A 32 -5.93 -0.73 0.78
C GLN A 32 -7.37 -1.22 0.75
N ARG A 33 -8.11 -0.93 1.82
CA ARG A 33 -9.51 -1.35 1.93
C ARG A 33 -10.24 -1.10 0.61
N VAL A 34 -10.00 0.06 0.01
CA VAL A 34 -10.64 0.42 -1.25
C VAL A 34 -10.36 -0.63 -2.33
N HIS A 35 -9.15 -1.17 -2.31
CA HIS A 35 -8.76 -2.19 -3.28
C HIS A 35 -9.47 -3.50 -3.02
N MET A 36 -9.70 -3.80 -1.75
CA MET A 36 -10.38 -5.03 -1.36
C MET A 36 -11.78 -5.09 -1.93
N GLY A 37 -11.94 -5.82 -3.04
CA GLY A 37 -13.24 -5.93 -3.68
C GLY A 37 -13.80 -7.33 -3.59
N GLU A 38 -14.08 -7.78 -2.38
CA GLU A 38 -14.63 -9.12 -2.16
C GLU A 38 -16.13 -9.15 -2.45
N LYS A 39 -16.64 -10.35 -2.73
CA LYS A 39 -18.06 -10.51 -3.03
C LYS A 39 -18.81 -11.04 -1.80
N CYS A 40 -19.90 -10.36 -1.45
CA CYS A 40 -20.71 -10.76 -0.30
C CYS A 40 -21.97 -11.49 -0.75
N SER A 41 -22.45 -12.40 0.09
CA SER A 41 -23.65 -13.16 -0.23
C SER A 41 -24.83 -12.23 -0.54
N GLY A 42 -24.99 -11.21 0.29
CA GLY A 42 -26.08 -10.26 0.10
C GLY A 42 -27.21 -10.46 1.08
N PRO A 43 -27.04 -9.95 2.30
CA PRO A 43 -28.05 -10.06 3.36
C PRO A 43 -29.30 -9.23 3.07
N SER A 44 -30.47 -9.85 3.20
CA SER A 44 -31.73 -9.16 2.94
C SER A 44 -32.41 -8.78 4.26
N SER A 45 -31.62 -8.29 5.19
CA SER A 45 -32.15 -7.88 6.50
C SER A 45 -32.12 -6.36 6.65
N GLY A 46 -32.50 -5.66 5.58
CA GLY A 46 -32.51 -4.21 5.63
C GLY A 46 -33.85 -3.65 6.07
ZN ZN B . -3.86 1.72 -3.53
N GLY A 1 10.00 9.27 -25.17
CA GLY A 1 9.69 9.09 -23.75
C GLY A 1 10.95 8.95 -22.90
N SER A 2 10.89 9.47 -21.68
CA SER A 2 12.02 9.42 -20.78
C SER A 2 11.64 8.71 -19.48
N SER A 3 11.97 7.42 -19.41
CA SER A 3 11.65 6.62 -18.22
C SER A 3 12.83 6.60 -17.26
N GLY A 4 12.57 6.91 -16.00
CA GLY A 4 13.62 6.92 -15.00
C GLY A 4 13.37 7.93 -13.89
N SER A 5 14.24 8.92 -13.78
CA SER A 5 14.11 9.95 -12.76
C SER A 5 13.60 9.35 -11.45
N SER A 6 14.13 8.19 -11.10
CA SER A 6 13.73 7.50 -9.88
C SER A 6 14.86 7.52 -8.85
N GLY A 7 14.84 8.50 -7.96
CA GLY A 7 15.86 8.61 -6.94
C GLY A 7 15.82 7.46 -5.96
N SER A 8 16.76 7.46 -5.02
CA SER A 8 16.83 6.40 -4.02
C SER A 8 15.56 6.34 -3.20
N GLY A 9 15.32 5.20 -2.55
CA GLY A 9 14.12 5.04 -1.74
C GLY A 9 14.14 5.92 -0.51
N GLU A 10 12.95 6.20 0.02
CA GLU A 10 12.82 7.04 1.20
C GLU A 10 11.74 6.51 2.13
N LYS A 11 11.98 6.65 3.43
CA LYS A 11 11.02 6.18 4.43
C LYS A 11 9.62 6.69 4.12
N SER A 12 8.80 5.84 3.51
CA SER A 12 7.43 6.19 3.17
C SER A 12 6.68 5.00 2.60
N HIS A 13 5.67 4.54 3.33
CA HIS A 13 4.87 3.39 2.89
C HIS A 13 4.07 3.75 1.64
N THR A 14 4.47 3.19 0.51
CA THR A 14 3.80 3.44 -0.75
C THR A 14 2.97 2.23 -1.19
N CYS A 15 1.73 2.49 -1.58
CA CYS A 15 0.83 1.42 -2.01
C CYS A 15 1.23 0.90 -3.39
N ASP A 16 1.64 -0.37 -3.45
CA ASP A 16 2.05 -0.98 -4.70
C ASP A 16 0.83 -1.29 -5.58
N GLU A 17 -0.35 -1.29 -4.96
CA GLU A 17 -1.59 -1.57 -5.68
C GLU A 17 -1.90 -0.44 -6.67
N CYS A 18 -1.75 0.80 -6.21
CA CYS A 18 -2.02 1.96 -7.05
C CYS A 18 -0.79 2.85 -7.16
N GLY A 19 -0.10 3.03 -6.05
CA GLY A 19 1.09 3.86 -6.04
C GLY A 19 0.94 5.09 -5.16
N LYS A 20 0.13 4.97 -4.11
CA LYS A 20 -0.09 6.07 -3.19
C LYS A 20 1.02 6.17 -2.16
N ASN A 21 0.97 7.20 -1.32
CA ASN A 21 1.97 7.40 -0.29
C ASN A 21 1.32 7.59 1.07
N PHE A 22 1.94 7.00 2.10
CA PHE A 22 1.42 7.10 3.46
C PHE A 22 2.56 7.07 4.47
N CYS A 23 2.77 8.21 5.14
CA CYS A 23 3.83 8.32 6.14
C CYS A 23 3.71 7.21 7.18
N TYR A 24 2.48 6.93 7.61
CA TYR A 24 2.24 5.90 8.60
C TYR A 24 1.59 4.68 7.96
N ILE A 25 2.27 3.54 8.07
CA ILE A 25 1.76 2.29 7.51
C ILE A 25 0.28 2.11 7.81
N SER A 26 -0.11 2.44 9.05
CA SER A 26 -1.49 2.31 9.47
C SER A 26 -2.44 2.87 8.41
N ALA A 27 -2.10 4.04 7.90
CA ALA A 27 -2.91 4.70 6.88
C ALA A 27 -3.02 3.83 5.62
N LEU A 28 -1.88 3.39 5.11
CA LEU A 28 -1.84 2.56 3.92
C LEU A 28 -2.81 1.39 4.04
N ARG A 29 -2.77 0.71 5.19
CA ARG A 29 -3.65 -0.43 5.43
C ARG A 29 -5.11 -0.04 5.26
N ILE A 30 -5.48 1.13 5.78
CA ILE A 30 -6.85 1.62 5.68
C ILE A 30 -7.23 1.88 4.23
N HIS A 31 -6.30 2.45 3.47
CA HIS A 31 -6.54 2.76 2.06
C HIS A 31 -6.68 1.48 1.25
N GLN A 32 -5.77 0.53 1.47
CA GLN A 32 -5.79 -0.74 0.75
C GLN A 32 -7.21 -1.28 0.66
N ARG A 33 -8.00 -1.03 1.70
CA ARG A 33 -9.39 -1.50 1.74
C ARG A 33 -10.07 -1.29 0.38
N VAL A 34 -9.81 -0.14 -0.23
CA VAL A 34 -10.40 0.19 -1.52
C VAL A 34 -10.03 -0.86 -2.57
N HIS A 35 -8.80 -1.36 -2.49
CA HIS A 35 -8.33 -2.36 -3.44
C HIS A 35 -8.99 -3.71 -3.18
N MET A 36 -9.78 -3.78 -2.10
CA MET A 36 -10.47 -5.01 -1.75
C MET A 36 -11.89 -5.01 -2.31
N GLY A 37 -12.09 -4.29 -3.41
CA GLY A 37 -13.40 -4.24 -4.03
C GLY A 37 -14.44 -3.59 -3.12
N GLU A 38 -15.50 -3.08 -3.73
CA GLU A 38 -16.57 -2.43 -2.97
C GLU A 38 -17.85 -3.26 -3.01
N LYS A 39 -17.77 -4.48 -2.48
CA LYS A 39 -18.92 -5.38 -2.45
C LYS A 39 -20.21 -4.60 -2.21
N CYS A 40 -21.16 -4.76 -3.12
CA CYS A 40 -22.44 -4.07 -3.00
C CYS A 40 -23.60 -5.08 -2.92
N SER A 41 -23.97 -5.43 -1.70
CA SER A 41 -25.05 -6.38 -1.47
C SER A 41 -26.15 -5.77 -0.61
N GLY A 42 -27.11 -5.11 -1.26
CA GLY A 42 -28.19 -4.49 -0.53
C GLY A 42 -28.49 -3.08 -1.01
N PRO A 43 -29.77 -2.69 -0.98
CA PRO A 43 -30.20 -1.36 -1.41
C PRO A 43 -29.74 -0.26 -0.46
N SER A 44 -28.98 -0.64 0.56
CA SER A 44 -28.47 0.31 1.54
C SER A 44 -28.16 1.65 0.89
N SER A 45 -27.20 1.64 -0.04
CA SER A 45 -26.80 2.85 -0.74
C SER A 45 -27.83 3.23 -1.81
N GLY A 46 -28.02 4.53 -2.00
CA GLY A 46 -28.98 4.99 -3.00
C GLY A 46 -28.79 4.32 -4.34
ZN ZN B . -3.59 1.76 -3.37
N GLY A 1 9.93 -13.63 -16.06
CA GLY A 1 10.25 -12.63 -17.06
C GLY A 1 9.16 -11.58 -17.19
N SER A 2 8.72 -11.06 -16.06
CA SER A 2 7.67 -10.03 -16.05
C SER A 2 8.07 -8.86 -15.16
N SER A 3 7.71 -7.66 -15.58
CA SER A 3 8.03 -6.45 -14.83
C SER A 3 7.58 -6.58 -13.38
N GLY A 4 8.31 -5.92 -12.48
CA GLY A 4 7.97 -5.98 -11.07
C GLY A 4 8.06 -4.62 -10.40
N SER A 5 8.21 -4.63 -9.08
CA SER A 5 8.31 -3.39 -8.31
C SER A 5 9.72 -3.19 -7.78
N SER A 6 10.60 -2.65 -8.61
CA SER A 6 11.99 -2.41 -8.23
C SER A 6 12.44 -1.02 -8.66
N GLY A 7 12.12 -0.03 -7.82
CA GLY A 7 12.50 1.34 -8.13
C GLY A 7 12.19 2.30 -7.00
N SER A 8 10.91 2.45 -6.69
CA SER A 8 10.47 3.35 -5.62
C SER A 8 11.37 3.21 -4.41
N GLY A 9 11.84 4.35 -3.89
CA GLY A 9 12.71 4.34 -2.74
C GLY A 9 12.51 5.55 -1.85
N GLU A 10 11.50 5.50 -0.98
CA GLU A 10 11.21 6.61 -0.08
C GLU A 10 11.06 6.11 1.35
N LYS A 11 11.26 7.01 2.31
CA LYS A 11 11.16 6.67 3.72
C LYS A 11 9.70 6.72 4.18
N SER A 12 8.81 6.14 3.37
CA SER A 12 7.39 6.13 3.69
C SER A 12 6.68 4.97 2.99
N HIS A 13 5.73 4.36 3.68
CA HIS A 13 4.99 3.23 3.13
C HIS A 13 4.26 3.64 1.85
N THR A 14 4.59 2.98 0.74
CA THR A 14 3.97 3.28 -0.53
C THR A 14 3.10 2.12 -1.02
N CYS A 15 1.89 2.42 -1.45
CA CYS A 15 0.96 1.41 -1.93
C CYS A 15 1.37 0.93 -3.32
N ASP A 16 1.84 -0.32 -3.40
CA ASP A 16 2.26 -0.90 -4.66
C ASP A 16 1.07 -1.20 -5.55
N GLU A 17 -0.12 -1.12 -4.96
CA GLU A 17 -1.36 -1.39 -5.70
C GLU A 17 -1.66 -0.25 -6.67
N CYS A 18 -1.46 0.98 -6.23
CA CYS A 18 -1.71 2.15 -7.06
C CYS A 18 -0.48 3.05 -7.11
N GLY A 19 0.19 3.20 -5.97
CA GLY A 19 1.37 4.04 -5.91
C GLY A 19 1.23 5.17 -4.91
N LYS A 20 0.22 5.08 -4.04
CA LYS A 20 -0.01 6.10 -3.03
C LYS A 20 1.09 6.09 -1.98
N ASN A 21 1.21 7.19 -1.25
CA ASN A 21 2.23 7.32 -0.21
C ASN A 21 1.60 7.63 1.14
N PHE A 22 1.99 6.87 2.16
CA PHE A 22 1.46 7.06 3.49
C PHE A 22 2.58 7.05 4.53
N CYS A 23 2.78 8.19 5.19
CA CYS A 23 3.82 8.32 6.21
C CYS A 23 3.71 7.20 7.24
N TYR A 24 2.47 6.86 7.60
CA TYR A 24 2.22 5.82 8.58
C TYR A 24 1.59 4.60 7.93
N ILE A 25 2.13 3.43 8.24
CA ILE A 25 1.62 2.18 7.69
C ILE A 25 0.12 2.05 7.91
N SER A 26 -0.32 2.33 9.14
CA SER A 26 -1.73 2.25 9.49
C SER A 26 -2.59 2.86 8.40
N ALA A 27 -2.21 4.06 7.96
CA ALA A 27 -2.96 4.76 6.92
C ALA A 27 -3.06 3.92 5.65
N LEU A 28 -1.92 3.38 5.22
CA LEU A 28 -1.87 2.56 4.02
C LEU A 28 -2.89 1.42 4.10
N ARG A 29 -2.90 0.73 5.24
CA ARG A 29 -3.83 -0.38 5.45
C ARG A 29 -5.27 0.07 5.24
N ILE A 30 -5.60 1.24 5.75
CA ILE A 30 -6.95 1.79 5.62
C ILE A 30 -7.30 2.04 4.16
N HIS A 31 -6.33 2.53 3.40
CA HIS A 31 -6.54 2.82 1.99
C HIS A 31 -6.61 1.52 1.18
N GLN A 32 -5.82 0.54 1.57
CA GLN A 32 -5.80 -0.75 0.88
C GLN A 32 -7.21 -1.34 0.78
N ARG A 33 -8.07 -0.95 1.72
CA ARG A 33 -9.45 -1.43 1.73
C ARG A 33 -10.11 -1.23 0.37
N VAL A 34 -9.70 -0.17 -0.33
CA VAL A 34 -10.26 0.13 -1.64
C VAL A 34 -9.83 -0.91 -2.68
N HIS A 35 -8.65 -1.48 -2.47
CA HIS A 35 -8.12 -2.49 -3.39
C HIS A 35 -8.70 -3.87 -3.07
N MET A 36 -9.80 -3.89 -2.32
CA MET A 36 -10.45 -5.13 -1.94
C MET A 36 -11.65 -5.41 -2.84
N GLY A 37 -11.99 -6.69 -3.00
CA GLY A 37 -13.11 -7.07 -3.83
C GLY A 37 -14.23 -7.71 -3.04
N GLU A 38 -15.14 -8.39 -3.74
CA GLU A 38 -16.27 -9.04 -3.09
C GLU A 38 -15.86 -9.59 -1.73
N LYS A 39 -16.52 -9.11 -0.69
CA LYS A 39 -16.24 -9.55 0.67
C LYS A 39 -17.36 -10.45 1.20
N CYS A 40 -17.03 -11.71 1.45
CA CYS A 40 -18.00 -12.67 1.95
C CYS A 40 -17.77 -12.96 3.43
N SER A 41 -18.85 -12.98 4.21
CA SER A 41 -18.76 -13.24 5.64
C SER A 41 -19.73 -14.33 6.05
N GLY A 42 -19.27 -15.23 6.92
CA GLY A 42 -20.10 -16.32 7.39
C GLY A 42 -21.33 -15.83 8.15
N PRO A 43 -22.26 -16.74 8.42
CA PRO A 43 -23.50 -16.43 9.15
C PRO A 43 -23.23 -16.11 10.62
N SER A 44 -21.97 -16.19 11.02
CA SER A 44 -21.59 -15.92 12.40
C SER A 44 -20.44 -14.92 12.46
N SER A 45 -19.54 -14.99 11.49
CA SER A 45 -18.40 -14.09 11.43
C SER A 45 -17.88 -13.77 12.82
N GLY A 46 -17.64 -14.81 13.62
CA GLY A 46 -17.15 -14.63 14.97
C GLY A 46 -15.70 -15.06 15.12
ZN ZN B . -3.42 1.83 -3.36
N GLY A 1 19.44 -12.57 -6.42
CA GLY A 1 19.64 -12.75 -5.00
C GLY A 1 20.26 -11.53 -4.35
N SER A 2 21.42 -11.71 -3.73
CA SER A 2 22.12 -10.62 -3.07
C SER A 2 21.13 -9.72 -2.32
N SER A 3 20.18 -10.34 -1.64
CA SER A 3 19.17 -9.60 -0.89
C SER A 3 19.65 -9.32 0.53
N GLY A 4 20.08 -8.09 0.77
CA GLY A 4 20.56 -7.72 2.09
C GLY A 4 20.79 -6.22 2.22
N SER A 5 19.75 -5.43 1.93
CA SER A 5 19.84 -3.99 2.02
C SER A 5 18.54 -3.39 2.54
N SER A 6 18.65 -2.49 3.51
CA SER A 6 17.49 -1.83 4.09
C SER A 6 17.44 -0.36 3.73
N GLY A 7 16.93 -0.07 2.54
CA GLY A 7 16.84 1.31 2.09
C GLY A 7 16.48 1.41 0.62
N SER A 8 15.23 1.11 0.29
CA SER A 8 14.77 1.16 -1.09
C SER A 8 15.05 2.53 -1.70
N GLY A 9 14.50 3.57 -1.08
CA GLY A 9 14.71 4.92 -1.58
C GLY A 9 13.88 5.95 -0.84
N GLU A 10 12.64 5.59 -0.53
CA GLU A 10 11.74 6.50 0.19
C GLU A 10 11.41 5.95 1.58
N LYS A 11 11.43 6.84 2.56
CA LYS A 11 11.13 6.45 3.94
C LYS A 11 9.65 6.63 4.25
N SER A 12 8.79 6.16 3.35
CA SER A 12 7.35 6.28 3.53
C SER A 12 6.63 5.11 2.85
N HIS A 13 5.76 4.45 3.61
CA HIS A 13 4.99 3.32 3.10
C HIS A 13 4.22 3.71 1.84
N THR A 14 4.55 3.06 0.73
CA THR A 14 3.89 3.35 -0.54
C THR A 14 3.02 2.17 -0.98
N CYS A 15 1.83 2.48 -1.51
CA CYS A 15 0.91 1.45 -1.97
C CYS A 15 1.31 0.95 -3.36
N ASP A 16 1.70 -0.32 -3.43
CA ASP A 16 2.10 -0.93 -4.70
C ASP A 16 0.90 -1.18 -5.59
N GLU A 17 -0.29 -1.16 -4.98
CA GLU A 17 -1.52 -1.38 -5.73
C GLU A 17 -1.80 -0.24 -6.69
N CYS A 18 -1.61 0.99 -6.21
CA CYS A 18 -1.84 2.18 -7.03
C CYS A 18 -0.58 3.03 -7.10
N GLY A 19 0.14 3.13 -5.99
CA GLY A 19 1.35 3.92 -5.95
C GLY A 19 1.24 5.13 -5.04
N LYS A 20 0.31 5.05 -4.08
CA LYS A 20 0.11 6.14 -3.13
C LYS A 20 1.18 6.14 -2.05
N ASN A 21 1.26 7.23 -1.30
CA ASN A 21 2.24 7.36 -0.24
C ASN A 21 1.56 7.63 1.10
N PHE A 22 2.01 6.93 2.15
CA PHE A 22 1.44 7.11 3.48
C PHE A 22 2.54 7.11 4.54
N CYS A 23 2.74 8.26 5.17
CA CYS A 23 3.75 8.40 6.21
C CYS A 23 3.62 7.29 7.24
N TYR A 24 2.39 7.00 7.64
CA TYR A 24 2.13 5.96 8.64
C TYR A 24 1.50 4.73 7.99
N ILE A 25 2.14 3.58 8.16
CA ILE A 25 1.64 2.33 7.59
C ILE A 25 0.16 2.17 7.86
N SER A 26 -0.25 2.40 9.10
CA SER A 26 -1.66 2.28 9.48
C SER A 26 -2.56 2.85 8.40
N ALA A 27 -2.22 4.04 7.92
CA ALA A 27 -3.01 4.70 6.88
C ALA A 27 -3.11 3.83 5.64
N LEU A 28 -1.97 3.46 5.08
CA LEU A 28 -1.93 2.63 3.89
C LEU A 28 -2.88 1.45 4.01
N ARG A 29 -2.81 0.75 5.14
CA ARG A 29 -3.67 -0.40 5.39
C ARG A 29 -5.14 -0.02 5.23
N ILE A 30 -5.52 1.13 5.76
CA ILE A 30 -6.89 1.60 5.67
C ILE A 30 -7.29 1.87 4.22
N HIS A 31 -6.34 2.38 3.43
CA HIS A 31 -6.58 2.68 2.03
C HIS A 31 -6.63 1.40 1.20
N GLN A 32 -5.81 0.43 1.57
CA GLN A 32 -5.76 -0.85 0.86
C GLN A 32 -7.13 -1.48 0.78
N ARG A 33 -8.00 -1.14 1.74
CA ARG A 33 -9.35 -1.68 1.78
C ARG A 33 -10.10 -1.35 0.49
N VAL A 34 -9.68 -0.27 -0.18
CA VAL A 34 -10.32 0.15 -1.42
C VAL A 34 -9.96 -0.79 -2.56
N HIS A 35 -8.78 -1.41 -2.47
CA HIS A 35 -8.33 -2.33 -3.50
C HIS A 35 -9.01 -3.69 -3.36
N MET A 36 -9.28 -4.08 -2.11
CA MET A 36 -9.93 -5.35 -1.84
C MET A 36 -11.44 -5.24 -2.02
N GLY A 37 -11.98 -4.05 -1.76
CA GLY A 37 -13.40 -3.84 -1.90
C GLY A 37 -13.95 -4.36 -3.22
N GLU A 38 -14.93 -5.26 -3.14
CA GLU A 38 -15.52 -5.84 -4.33
C GLU A 38 -14.45 -6.31 -5.32
N LYS A 39 -13.48 -7.08 -4.81
CA LYS A 39 -12.40 -7.58 -5.64
C LYS A 39 -12.57 -9.08 -5.91
N CYS A 40 -11.93 -9.56 -6.97
CA CYS A 40 -12.01 -10.97 -7.34
C CYS A 40 -10.92 -11.78 -6.65
N SER A 41 -11.23 -12.31 -5.47
CA SER A 41 -10.29 -13.10 -4.71
C SER A 41 -10.77 -14.53 -4.53
N GLY A 42 -10.52 -15.36 -5.55
CA GLY A 42 -10.94 -16.75 -5.49
C GLY A 42 -10.08 -17.57 -4.56
N PRO A 43 -10.72 -18.57 -3.90
CA PRO A 43 -10.03 -19.46 -2.96
C PRO A 43 -9.05 -20.40 -3.66
N SER A 44 -8.13 -20.96 -2.90
CA SER A 44 -7.14 -21.89 -3.45
C SER A 44 -7.04 -23.15 -2.60
N SER A 45 -7.11 -24.30 -3.26
CA SER A 45 -7.04 -25.59 -2.57
C SER A 45 -5.82 -25.64 -1.64
N GLY A 46 -6.04 -25.32 -0.38
CA GLY A 46 -4.96 -25.34 0.59
C GLY A 46 -4.47 -23.93 0.94
ZN ZN B . -3.53 1.87 -3.27
N GLY A 1 17.17 -0.81 -23.79
CA GLY A 1 17.46 -0.61 -22.37
C GLY A 1 16.42 0.25 -21.69
N SER A 2 16.34 0.12 -20.37
CA SER A 2 15.37 0.88 -19.59
C SER A 2 15.57 0.65 -18.09
N SER A 3 15.76 1.74 -17.35
CA SER A 3 15.97 1.66 -15.91
C SER A 3 14.65 1.83 -15.16
N GLY A 4 14.46 1.02 -14.12
CA GLY A 4 13.24 1.10 -13.34
C GLY A 4 13.46 0.74 -11.89
N SER A 5 14.47 1.35 -11.27
CA SER A 5 14.78 1.08 -9.87
C SER A 5 14.60 2.34 -9.02
N SER A 6 14.67 2.17 -7.70
CA SER A 6 14.51 3.29 -6.78
C SER A 6 15.85 3.72 -6.21
N GLY A 7 16.55 2.79 -5.55
CA GLY A 7 17.84 3.09 -4.97
C GLY A 7 17.74 3.52 -3.52
N SER A 8 18.14 4.75 -3.24
CA SER A 8 18.10 5.27 -1.87
C SER A 8 16.66 5.30 -1.34
N GLY A 9 15.76 5.89 -2.12
CA GLY A 9 14.38 5.97 -1.72
C GLY A 9 14.18 6.82 -0.49
N GLU A 10 12.92 7.06 -0.13
CA GLU A 10 12.60 7.87 1.04
C GLU A 10 11.82 7.07 2.07
N LYS A 11 11.83 7.53 3.32
CA LYS A 11 11.14 6.86 4.39
C LYS A 11 9.63 7.11 4.31
N SER A 12 8.95 6.27 3.53
CA SER A 12 7.50 6.40 3.37
C SER A 12 6.93 5.19 2.63
N HIS A 13 5.93 4.56 3.24
CA HIS A 13 5.30 3.39 2.65
C HIS A 13 4.54 3.76 1.38
N THR A 14 4.61 2.89 0.38
CA THR A 14 3.93 3.13 -0.89
C THR A 14 3.05 1.95 -1.28
N CYS A 15 1.81 2.23 -1.64
CA CYS A 15 0.87 1.19 -2.03
C CYS A 15 1.24 0.60 -3.39
N ASP A 16 1.57 -0.68 -3.40
CA ASP A 16 1.95 -1.36 -4.64
C ASP A 16 0.74 -1.60 -5.52
N GLU A 17 -0.45 -1.38 -4.96
CA GLU A 17 -1.70 -1.57 -5.70
C GLU A 17 -1.90 -0.44 -6.70
N CYS A 18 -1.69 0.80 -6.25
CA CYS A 18 -1.86 1.96 -7.11
C CYS A 18 -0.59 2.80 -7.14
N GLY A 19 0.10 2.85 -6.00
CA GLY A 19 1.33 3.63 -5.91
C GLY A 19 1.21 4.80 -4.96
N LYS A 20 0.14 4.82 -4.17
CA LYS A 20 -0.09 5.88 -3.22
C LYS A 20 1.02 5.94 -2.17
N ASN A 21 0.99 6.97 -1.34
CA ASN A 21 2.01 7.14 -0.30
C ASN A 21 1.36 7.35 1.06
N PHE A 22 1.98 6.79 2.10
CA PHE A 22 1.47 6.91 3.46
C PHE A 22 2.60 6.88 4.48
N CYS A 23 2.84 8.02 5.12
CA CYS A 23 3.90 8.13 6.12
C CYS A 23 3.78 7.02 7.16
N TYR A 24 2.54 6.72 7.55
CA TYR A 24 2.29 5.69 8.55
C TYR A 24 1.62 4.46 7.91
N ILE A 25 2.17 3.30 8.20
CA ILE A 25 1.63 2.05 7.66
C ILE A 25 0.13 1.94 7.91
N SER A 26 -0.28 2.24 9.13
CA SER A 26 -1.69 2.17 9.50
C SER A 26 -2.57 2.78 8.40
N ALA A 27 -2.21 3.97 7.96
CA ALA A 27 -2.96 4.65 6.91
C ALA A 27 -3.06 3.79 5.66
N LEU A 28 -1.91 3.31 5.18
CA LEU A 28 -1.88 2.48 3.99
C LEU A 28 -2.87 1.33 4.10
N ARG A 29 -2.88 0.65 5.24
CA ARG A 29 -3.78 -0.46 5.47
C ARG A 29 -5.23 -0.04 5.28
N ILE A 30 -5.57 1.14 5.80
CA ILE A 30 -6.93 1.67 5.68
C ILE A 30 -7.27 1.98 4.23
N HIS A 31 -6.31 2.52 3.50
CA HIS A 31 -6.51 2.86 2.10
C HIS A 31 -6.68 1.61 1.25
N GLN A 32 -5.83 0.61 1.50
CA GLN A 32 -5.89 -0.65 0.76
C GLN A 32 -7.33 -1.15 0.66
N ARG A 33 -8.12 -0.90 1.69
CA ARG A 33 -9.51 -1.33 1.72
C ARG A 33 -10.18 -1.08 0.37
N VAL A 34 -9.94 0.12 -0.19
CA VAL A 34 -10.53 0.48 -1.47
C VAL A 34 -10.17 -0.54 -2.55
N HIS A 35 -8.95 -1.06 -2.48
CA HIS A 35 -8.48 -2.05 -3.45
C HIS A 35 -9.19 -3.38 -3.24
N MET A 36 -9.50 -3.71 -1.99
CA MET A 36 -10.17 -4.95 -1.67
C MET A 36 -11.50 -5.06 -2.40
N GLY A 37 -11.82 -6.27 -2.86
CA GLY A 37 -13.07 -6.48 -3.57
C GLY A 37 -13.47 -7.95 -3.59
N GLU A 38 -13.97 -8.44 -2.47
CA GLU A 38 -14.39 -9.83 -2.37
C GLU A 38 -15.51 -9.99 -1.34
N LYS A 39 -16.21 -11.11 -1.41
CA LYS A 39 -17.31 -11.38 -0.48
C LYS A 39 -16.79 -11.75 0.90
N CYS A 40 -15.98 -12.80 0.96
CA CYS A 40 -15.41 -13.26 2.23
C CYS A 40 -13.93 -12.86 2.33
N SER A 41 -13.64 -11.97 3.28
CA SER A 41 -12.27 -11.50 3.48
C SER A 41 -11.45 -12.54 4.23
N GLY A 42 -10.69 -13.33 3.48
CA GLY A 42 -9.86 -14.35 4.08
C GLY A 42 -10.63 -15.21 5.07
N PRO A 43 -9.93 -16.17 5.71
CA PRO A 43 -10.53 -17.06 6.69
C PRO A 43 -10.90 -16.35 7.99
N SER A 44 -12.20 -16.18 8.21
CA SER A 44 -12.67 -15.51 9.42
C SER A 44 -12.84 -16.50 10.56
N SER A 45 -12.22 -16.19 11.70
CA SER A 45 -12.29 -17.05 12.87
C SER A 45 -12.79 -16.28 14.08
N GLY A 46 -14.12 -16.17 14.20
CA GLY A 46 -14.70 -15.46 15.32
C GLY A 46 -15.15 -14.07 14.94
ZN ZN B . -3.57 1.79 -3.33
N GLY A 1 25.52 -10.51 -11.53
CA GLY A 1 24.34 -9.72 -11.25
C GLY A 1 24.67 -8.29 -10.86
N SER A 2 24.33 -7.35 -11.73
CA SER A 2 24.60 -5.94 -11.47
C SER A 2 23.51 -5.33 -10.57
N SER A 3 22.26 -5.63 -10.89
CA SER A 3 21.13 -5.11 -10.13
C SER A 3 21.49 -5.02 -8.65
N GLY A 4 20.86 -4.07 -7.95
CA GLY A 4 21.12 -3.88 -6.54
C GLY A 4 19.89 -3.44 -5.78
N SER A 5 20.06 -2.46 -4.89
CA SER A 5 18.95 -1.95 -4.10
C SER A 5 18.69 -0.48 -4.40
N SER A 6 17.70 -0.23 -5.25
CA SER A 6 17.35 1.14 -5.63
C SER A 6 16.57 1.83 -4.51
N GLY A 7 15.56 1.14 -4.00
CA GLY A 7 14.75 1.70 -2.93
C GLY A 7 13.65 2.60 -3.45
N SER A 8 12.51 2.60 -2.76
CA SER A 8 11.37 3.42 -3.16
C SER A 8 11.76 4.89 -3.26
N GLY A 9 12.42 5.39 -2.22
CA GLY A 9 12.85 6.78 -2.20
C GLY A 9 12.83 7.38 -0.81
N GLU A 10 11.63 7.53 -0.24
CA GLU A 10 11.49 8.09 1.09
C GLU A 10 11.09 7.01 2.10
N LYS A 11 11.32 7.30 3.38
CA LYS A 11 10.98 6.34 4.44
C LYS A 11 9.49 6.34 4.70
N SER A 12 8.70 6.23 3.63
CA SER A 12 7.25 6.21 3.74
C SER A 12 6.66 5.07 2.92
N HIS A 13 5.81 4.26 3.55
CA HIS A 13 5.18 3.14 2.89
C HIS A 13 4.45 3.60 1.62
N THR A 14 4.48 2.77 0.59
CA THR A 14 3.83 3.09 -0.67
C THR A 14 2.96 1.93 -1.16
N CYS A 15 1.73 2.25 -1.56
CA CYS A 15 0.80 1.23 -2.05
C CYS A 15 1.23 0.72 -3.41
N ASP A 16 1.62 -0.56 -3.48
CA ASP A 16 2.04 -1.16 -4.73
C ASP A 16 0.85 -1.44 -5.64
N GLU A 17 -0.35 -1.40 -5.06
CA GLU A 17 -1.57 -1.63 -5.82
C GLU A 17 -1.84 -0.50 -6.80
N CYS A 18 -1.70 0.73 -6.32
CA CYS A 18 -1.92 1.91 -7.16
C CYS A 18 -0.67 2.77 -7.22
N GLY A 19 0.02 2.92 -6.09
CA GLY A 19 1.22 3.72 -6.05
C GLY A 19 1.10 4.90 -5.11
N LYS A 20 0.20 4.80 -4.15
CA LYS A 20 -0.02 5.88 -3.19
C LYS A 20 1.08 5.88 -2.13
N ASN A 21 1.17 6.98 -1.37
CA ASN A 21 2.17 7.10 -0.34
C ASN A 21 1.53 7.34 1.02
N PHE A 22 2.11 6.75 2.06
CA PHE A 22 1.58 6.89 3.42
C PHE A 22 2.71 6.89 4.45
N CYS A 23 2.93 8.04 5.08
CA CYS A 23 3.98 8.16 6.09
C CYS A 23 3.90 7.03 7.11
N TYR A 24 2.69 6.74 7.56
CA TYR A 24 2.48 5.68 8.54
C TYR A 24 1.76 4.48 7.91
N ILE A 25 2.32 3.29 8.10
CA ILE A 25 1.74 2.07 7.57
C ILE A 25 0.24 2.02 7.82
N SER A 26 -0.15 2.27 9.07
CA SER A 26 -1.56 2.25 9.44
C SER A 26 -2.43 2.89 8.37
N ALA A 27 -2.02 4.08 7.92
CA ALA A 27 -2.76 4.80 6.89
C ALA A 27 -2.88 3.96 5.62
N LEU A 28 -1.76 3.49 5.11
CA LEU A 28 -1.75 2.67 3.90
C LEU A 28 -2.74 1.53 4.01
N ARG A 29 -2.72 0.82 5.13
CA ARG A 29 -3.62 -0.29 5.35
C ARG A 29 -5.08 0.14 5.18
N ILE A 30 -5.41 1.31 5.74
CA ILE A 30 -6.76 1.83 5.64
C ILE A 30 -7.16 2.09 4.19
N HIS A 31 -6.23 2.63 3.41
CA HIS A 31 -6.48 2.92 2.01
C HIS A 31 -6.66 1.63 1.21
N GLN A 32 -5.77 0.66 1.44
CA GLN A 32 -5.83 -0.61 0.74
C GLN A 32 -7.27 -1.13 0.69
N ARG A 33 -8.04 -0.83 1.73
CA ARG A 33 -9.43 -1.27 1.79
C ARG A 33 -10.13 -1.08 0.46
N VAL A 34 -9.82 0.03 -0.21
CA VAL A 34 -10.41 0.34 -1.50
C VAL A 34 -10.10 -0.74 -2.53
N HIS A 35 -8.87 -1.24 -2.48
CA HIS A 35 -8.42 -2.28 -3.41
C HIS A 35 -9.11 -3.61 -3.10
N MET A 36 -9.30 -3.89 -1.81
CA MET A 36 -9.94 -5.13 -1.39
C MET A 36 -11.22 -5.38 -2.17
N GLY A 37 -11.25 -6.47 -2.92
CA GLY A 37 -12.43 -6.79 -3.71
C GLY A 37 -12.74 -8.28 -3.71
N GLU A 38 -11.72 -9.09 -3.95
CA GLU A 38 -11.88 -10.54 -3.98
C GLU A 38 -12.22 -11.08 -2.59
N LYS A 39 -13.14 -12.03 -2.54
CA LYS A 39 -13.55 -12.63 -1.28
C LYS A 39 -12.35 -13.17 -0.50
N CYS A 40 -11.61 -14.06 -1.15
CA CYS A 40 -10.43 -14.66 -0.52
C CYS A 40 -10.77 -15.21 0.86
N SER A 41 -11.86 -15.96 0.94
CA SER A 41 -12.29 -16.55 2.20
C SER A 41 -11.25 -17.51 2.74
N GLY A 42 -10.80 -17.24 3.98
CA GLY A 42 -9.79 -18.09 4.60
C GLY A 42 -8.63 -18.36 3.68
N PRO A 43 -7.75 -17.36 3.52
CA PRO A 43 -6.56 -17.48 2.66
C PRO A 43 -5.52 -18.42 3.23
N SER A 44 -5.18 -18.23 4.50
CA SER A 44 -4.19 -19.06 5.17
C SER A 44 -4.52 -19.22 6.65
N SER A 45 -3.96 -20.25 7.27
CA SER A 45 -4.20 -20.52 8.68
C SER A 45 -3.51 -19.47 9.56
N GLY A 46 -4.20 -19.05 10.62
CA GLY A 46 -3.64 -18.06 11.52
C GLY A 46 -3.79 -16.64 10.98
ZN ZN B . -3.71 1.72 -3.41
N GLY A 1 29.38 3.97 -10.80
CA GLY A 1 29.15 3.81 -9.38
C GLY A 1 27.74 3.35 -9.07
N SER A 2 27.54 2.03 -9.07
CA SER A 2 26.23 1.46 -8.80
C SER A 2 25.99 1.35 -7.29
N SER A 3 26.33 2.41 -6.57
CA SER A 3 26.15 2.44 -5.12
C SER A 3 24.74 2.88 -4.76
N GLY A 4 24.30 4.00 -5.33
CA GLY A 4 22.98 4.50 -5.06
C GLY A 4 22.94 6.02 -4.98
N SER A 5 21.93 6.56 -4.29
CA SER A 5 21.78 8.00 -4.14
C SER A 5 22.18 8.45 -2.75
N SER A 6 23.28 7.90 -2.24
CA SER A 6 23.76 8.24 -0.91
C SER A 6 22.66 8.06 0.14
N GLY A 7 21.91 6.97 0.01
CA GLY A 7 20.84 6.69 0.94
C GLY A 7 20.37 5.26 0.89
N SER A 8 19.52 4.88 1.85
CA SER A 8 19.00 3.52 1.91
C SER A 8 17.51 3.49 1.58
N GLY A 9 17.11 4.26 0.58
CA GLY A 9 15.72 4.31 0.19
C GLY A 9 14.93 5.33 0.99
N GLU A 10 13.75 5.69 0.49
CA GLU A 10 12.90 6.66 1.16
C GLU A 10 12.34 6.09 2.46
N LYS A 11 11.89 6.96 3.35
CA LYS A 11 11.33 6.54 4.63
C LYS A 11 9.81 6.76 4.65
N SER A 12 9.12 6.15 3.71
CA SER A 12 7.67 6.28 3.62
C SER A 12 7.06 5.08 2.90
N HIS A 13 5.90 4.64 3.36
CA HIS A 13 5.20 3.51 2.76
C HIS A 13 4.42 3.94 1.52
N THR A 14 4.38 3.08 0.51
CA THR A 14 3.66 3.38 -0.72
C THR A 14 2.82 2.19 -1.17
N CYS A 15 1.57 2.46 -1.56
CA CYS A 15 0.66 1.42 -2.00
C CYS A 15 1.06 0.91 -3.38
N ASP A 16 1.59 -0.32 -3.41
CA ASP A 16 2.01 -0.94 -4.67
C ASP A 16 0.81 -1.26 -5.55
N GLU A 17 -0.39 -1.17 -4.96
CA GLU A 17 -1.62 -1.47 -5.70
C GLU A 17 -1.92 -0.36 -6.71
N CYS A 18 -1.82 0.89 -6.26
CA CYS A 18 -2.09 2.03 -7.13
C CYS A 18 -0.85 2.93 -7.23
N GLY A 19 -0.22 3.18 -6.09
CA GLY A 19 0.96 4.02 -6.07
C GLY A 19 0.82 5.20 -5.12
N LYS A 20 -0.06 5.05 -4.13
CA LYS A 20 -0.27 6.11 -3.16
C LYS A 20 0.82 6.12 -2.10
N ASN A 21 0.95 7.24 -1.39
CA ASN A 21 1.97 7.38 -0.35
C ASN A 21 1.32 7.62 1.00
N PHE A 22 1.86 6.98 2.03
CA PHE A 22 1.34 7.13 3.40
C PHE A 22 2.47 7.12 4.41
N CYS A 23 2.69 8.26 5.05
CA CYS A 23 3.75 8.38 6.06
C CYS A 23 3.69 7.23 7.05
N TYR A 24 2.48 6.92 7.52
CA TYR A 24 2.29 5.84 8.47
C TYR A 24 1.64 4.63 7.81
N ILE A 25 2.29 3.47 7.94
CA ILE A 25 1.78 2.24 7.35
C ILE A 25 0.30 2.08 7.63
N SER A 26 -0.11 2.34 8.87
CA SER A 26 -1.51 2.21 9.25
C SER A 26 -2.42 2.85 8.21
N ALA A 27 -2.07 4.06 7.80
CA ALA A 27 -2.87 4.78 6.80
C ALA A 27 -3.01 3.96 5.52
N LEU A 28 -1.89 3.42 5.05
CA LEU A 28 -1.89 2.62 3.83
C LEU A 28 -2.87 1.45 3.95
N ARG A 29 -2.82 0.76 5.09
CA ARG A 29 -3.69 -0.38 5.33
C ARG A 29 -5.16 0.03 5.22
N ILE A 30 -5.48 1.21 5.74
CA ILE A 30 -6.84 1.72 5.71
C ILE A 30 -7.29 1.98 4.27
N HIS A 31 -6.35 2.41 3.43
CA HIS A 31 -6.65 2.70 2.04
C HIS A 31 -6.77 1.42 1.23
N GLN A 32 -5.83 0.50 1.45
CA GLN A 32 -5.82 -0.78 0.73
C GLN A 32 -7.22 -1.40 0.74
N ARG A 33 -8.01 -1.06 1.75
CA ARG A 33 -9.37 -1.59 1.87
C ARG A 33 -10.12 -1.45 0.55
N VAL A 34 -9.90 -0.34 -0.14
CA VAL A 34 -10.56 -0.07 -1.42
C VAL A 34 -10.18 -1.12 -2.46
N HIS A 35 -8.91 -1.50 -2.47
CA HIS A 35 -8.42 -2.50 -3.42
C HIS A 35 -9.04 -3.86 -3.13
N MET A 36 -9.27 -4.15 -1.86
CA MET A 36 -9.86 -5.42 -1.46
C MET A 36 -11.08 -5.75 -2.32
N GLY A 37 -11.00 -6.87 -3.04
CA GLY A 37 -12.10 -7.27 -3.90
C GLY A 37 -11.84 -8.60 -4.59
N GLU A 38 -10.59 -8.82 -4.99
CA GLU A 38 -10.21 -10.06 -5.66
C GLU A 38 -8.74 -10.38 -5.44
N LYS A 39 -8.46 -11.60 -4.99
CA LYS A 39 -7.09 -12.03 -4.74
C LYS A 39 -6.77 -13.30 -5.51
N CYS A 40 -5.65 -13.28 -6.23
CA CYS A 40 -5.23 -14.43 -7.02
C CYS A 40 -4.63 -15.51 -6.13
N SER A 41 -3.76 -15.11 -5.22
CA SER A 41 -3.10 -16.03 -4.31
C SER A 41 -4.05 -17.17 -3.92
N GLY A 42 -3.68 -18.39 -4.29
CA GLY A 42 -4.51 -19.54 -3.96
C GLY A 42 -4.19 -20.12 -2.60
N PRO A 43 -3.16 -20.97 -2.53
CA PRO A 43 -2.74 -21.61 -1.29
C PRO A 43 -2.12 -20.61 -0.30
N SER A 44 -2.29 -20.88 0.98
CA SER A 44 -1.74 -20.02 2.02
C SER A 44 -0.25 -20.29 2.23
N SER A 45 0.36 -19.54 3.15
CA SER A 45 1.78 -19.70 3.46
C SER A 45 1.98 -19.94 4.95
N GLY A 46 2.76 -20.98 5.27
CA GLY A 46 3.02 -21.30 6.66
C GLY A 46 4.19 -20.51 7.22
ZN ZN B . -3.84 1.74 -3.39
N GLY A 1 35.12 9.93 -10.37
CA GLY A 1 34.76 8.56 -10.04
C GLY A 1 34.18 8.44 -8.64
N SER A 2 35.01 8.69 -7.64
CA SER A 2 34.57 8.60 -6.25
C SER A 2 34.10 9.95 -5.73
N SER A 3 33.28 10.64 -6.53
CA SER A 3 32.77 11.94 -6.16
C SER A 3 31.55 11.81 -5.26
N GLY A 4 30.64 10.90 -5.62
CA GLY A 4 29.45 10.69 -4.83
C GLY A 4 28.19 11.14 -5.55
N SER A 5 27.20 10.26 -5.62
CA SER A 5 25.94 10.57 -6.29
C SER A 5 24.90 11.07 -5.29
N SER A 6 24.08 12.02 -5.73
CA SER A 6 23.05 12.59 -4.88
C SER A 6 21.81 11.69 -4.84
N GLY A 7 21.53 11.15 -3.65
CA GLY A 7 20.38 10.28 -3.49
C GLY A 7 20.03 10.03 -2.04
N SER A 8 19.08 10.78 -1.52
CA SER A 8 18.65 10.65 -0.14
C SER A 8 17.17 10.96 0.02
N GLY A 9 16.59 10.52 1.13
CA GLY A 9 15.18 10.77 1.38
C GLY A 9 14.69 10.10 2.65
N GLU A 10 13.39 9.87 2.73
CA GLU A 10 12.79 9.23 3.91
C GLU A 10 12.04 7.96 3.50
N LYS A 11 11.97 7.01 4.42
CA LYS A 11 11.28 5.75 4.18
C LYS A 11 9.77 5.92 4.32
N SER A 12 9.05 5.77 3.21
CA SER A 12 7.60 5.90 3.21
C SER A 12 6.94 4.67 2.62
N HIS A 13 5.72 4.38 3.08
CA HIS A 13 4.97 3.22 2.60
C HIS A 13 4.16 3.57 1.36
N THR A 14 4.51 2.97 0.23
CA THR A 14 3.81 3.21 -1.02
C THR A 14 2.93 2.03 -1.42
N CYS A 15 1.69 2.32 -1.76
CA CYS A 15 0.74 1.28 -2.15
C CYS A 15 1.14 0.66 -3.48
N ASP A 16 1.23 -0.67 -3.51
CA ASP A 16 1.61 -1.39 -4.73
C ASP A 16 0.38 -1.64 -5.60
N GLU A 17 -0.80 -1.35 -5.05
CA GLU A 17 -2.04 -1.56 -5.78
C GLU A 17 -2.27 -0.45 -6.80
N CYS A 18 -2.01 0.79 -6.38
CA CYS A 18 -2.18 1.94 -7.25
C CYS A 18 -0.89 2.75 -7.35
N GLY A 19 -0.19 2.87 -6.22
CA GLY A 19 1.04 3.62 -6.19
C GLY A 19 1.00 4.79 -5.22
N LYS A 20 -0.05 4.85 -4.42
CA LYS A 20 -0.22 5.92 -3.45
C LYS A 20 0.93 5.92 -2.44
N ASN A 21 1.00 6.97 -1.63
CA ASN A 21 2.05 7.09 -0.63
C ASN A 21 1.46 7.33 0.76
N PHE A 22 2.12 6.76 1.78
CA PHE A 22 1.65 6.91 3.14
C PHE A 22 2.81 6.81 4.13
N CYS A 23 3.13 7.94 4.77
CA CYS A 23 4.23 7.98 5.74
C CYS A 23 4.04 6.92 6.82
N TYR A 24 2.81 6.76 7.29
CA TYR A 24 2.49 5.79 8.32
C TYR A 24 1.81 4.57 7.74
N ILE A 25 2.41 3.39 7.93
CA ILE A 25 1.85 2.15 7.42
C ILE A 25 0.36 2.06 7.71
N SER A 26 -0.03 2.37 8.95
CA SER A 26 -1.43 2.33 9.35
C SER A 26 -2.32 2.90 8.26
N ALA A 27 -1.95 4.07 7.74
CA ALA A 27 -2.72 4.72 6.69
C ALA A 27 -2.90 3.80 5.49
N LEU A 28 -1.78 3.34 4.93
CA LEU A 28 -1.81 2.45 3.77
C LEU A 28 -2.84 1.34 3.97
N ARG A 29 -2.79 0.69 5.13
CA ARG A 29 -3.72 -0.39 5.45
C ARG A 29 -5.16 0.07 5.28
N ILE A 30 -5.46 1.26 5.77
CA ILE A 30 -6.80 1.82 5.70
C ILE A 30 -7.19 2.07 4.24
N HIS A 31 -6.23 2.49 3.43
CA HIS A 31 -6.47 2.77 2.03
C HIS A 31 -6.63 1.47 1.23
N GLN A 32 -5.85 0.46 1.60
CA GLN A 32 -5.91 -0.83 0.93
C GLN A 32 -7.34 -1.37 0.89
N ARG A 33 -8.15 -0.92 1.86
CA ARG A 33 -9.54 -1.36 1.94
C ARG A 33 -10.29 -1.04 0.64
N VAL A 34 -9.86 0.01 -0.04
CA VAL A 34 -10.49 0.42 -1.29
C VAL A 34 -10.24 -0.60 -2.39
N HIS A 35 -9.11 -1.29 -2.31
CA HIS A 35 -8.75 -2.30 -3.30
C HIS A 35 -9.42 -3.63 -2.99
N MET A 36 -10.41 -3.59 -2.10
CA MET A 36 -11.14 -4.80 -1.71
C MET A 36 -12.35 -5.01 -2.61
N GLY A 37 -12.21 -5.91 -3.58
CA GLY A 37 -13.31 -6.18 -4.49
C GLY A 37 -14.19 -7.32 -4.01
N GLU A 38 -15.42 -7.36 -4.51
CA GLU A 38 -16.36 -8.41 -4.12
C GLU A 38 -16.02 -9.73 -4.81
N LYS A 39 -15.94 -9.70 -6.13
CA LYS A 39 -15.62 -10.88 -6.91
C LYS A 39 -14.29 -10.72 -7.65
N CYS A 40 -14.10 -9.55 -8.25
CA CYS A 40 -12.88 -9.27 -8.99
C CYS A 40 -12.37 -10.51 -9.71
N SER A 41 -13.30 -11.28 -10.28
CA SER A 41 -12.95 -12.50 -10.99
C SER A 41 -13.00 -12.27 -12.51
N GLY A 42 -11.87 -11.84 -13.07
CA GLY A 42 -11.80 -11.59 -14.50
C GLY A 42 -10.72 -10.59 -14.86
N PRO A 43 -9.48 -11.07 -14.99
CA PRO A 43 -8.34 -10.23 -15.33
C PRO A 43 -8.40 -9.72 -16.77
N SER A 44 -9.05 -8.60 -16.98
CA SER A 44 -9.19 -8.01 -18.31
C SER A 44 -9.33 -6.49 -18.23
N SER A 45 -9.11 -5.83 -19.35
CA SER A 45 -9.22 -4.38 -19.42
C SER A 45 -10.32 -3.95 -20.38
N GLY A 46 -10.28 -4.51 -21.59
CA GLY A 46 -11.27 -4.18 -22.59
C GLY A 46 -10.83 -3.06 -23.51
ZN ZN B . -3.73 1.79 -3.50
N GLY A 1 33.07 -15.47 -1.76
CA GLY A 1 31.75 -15.85 -1.32
C GLY A 1 30.65 -15.20 -2.14
N SER A 2 29.64 -14.66 -1.46
CA SER A 2 28.52 -14.01 -2.13
C SER A 2 28.12 -12.74 -1.40
N SER A 3 27.24 -11.97 -2.03
CA SER A 3 26.77 -10.71 -1.45
C SER A 3 25.59 -10.95 -0.51
N GLY A 4 25.41 -10.04 0.45
CA GLY A 4 24.31 -10.17 1.39
C GLY A 4 24.06 -8.89 2.16
N SER A 5 22.80 -8.49 2.23
CA SER A 5 22.41 -7.26 2.93
C SER A 5 21.48 -7.58 4.09
N SER A 6 21.50 -6.71 5.10
CA SER A 6 20.66 -6.89 6.28
C SER A 6 20.41 -5.57 6.98
N GLY A 7 19.15 -5.14 7.00
CA GLY A 7 18.80 -3.89 7.64
C GLY A 7 17.37 -3.48 7.36
N SER A 8 16.93 -2.40 8.00
CA SER A 8 15.57 -1.90 7.81
C SER A 8 15.56 -0.63 6.96
N GLY A 9 14.38 -0.28 6.45
CA GLY A 9 14.26 0.91 5.64
C GLY A 9 13.06 1.76 6.02
N GLU A 10 13.26 3.07 6.11
CA GLU A 10 12.19 3.99 6.46
C GLU A 10 12.03 5.08 5.41
N LYS A 11 10.82 5.17 4.86
CA LYS A 11 10.53 6.17 3.83
C LYS A 11 9.04 6.15 3.48
N SER A 12 8.53 7.32 3.09
CA SER A 12 7.12 7.45 2.72
C SER A 12 6.64 6.21 1.97
N HIS A 13 5.81 5.41 2.63
CA HIS A 13 5.27 4.19 2.02
C HIS A 13 4.40 4.54 0.81
N THR A 14 4.41 3.64 -0.18
CA THR A 14 3.62 3.85 -1.38
C THR A 14 2.85 2.58 -1.76
N CYS A 15 1.56 2.75 -2.04
CA CYS A 15 0.71 1.63 -2.41
C CYS A 15 1.06 1.10 -3.80
N ASP A 16 1.37 -0.18 -3.88
CA ASP A 16 1.74 -0.80 -5.16
C ASP A 16 0.49 -1.13 -5.96
N GLU A 17 -0.67 -1.07 -5.30
CA GLU A 17 -1.94 -1.37 -5.96
C GLU A 17 -2.33 -0.26 -6.93
N CYS A 18 -2.14 0.99 -6.50
CA CYS A 18 -2.48 2.14 -7.32
C CYS A 18 -1.27 3.07 -7.47
N GLY A 19 -0.56 3.29 -6.36
CA GLY A 19 0.60 4.15 -6.40
C GLY A 19 0.46 5.35 -5.47
N LYS A 20 -0.38 5.22 -4.46
CA LYS A 20 -0.60 6.29 -3.51
C LYS A 20 0.61 6.46 -2.58
N ASN A 21 0.48 7.36 -1.61
CA ASN A 21 1.56 7.61 -0.66
C ASN A 21 1.02 7.74 0.76
N PHE A 22 1.78 7.23 1.73
CA PHE A 22 1.38 7.30 3.12
C PHE A 22 2.60 7.29 4.04
N CYS A 23 2.83 8.41 4.72
CA CYS A 23 3.96 8.53 5.62
C CYS A 23 3.97 7.39 6.64
N TYR A 24 2.79 7.06 7.16
CA TYR A 24 2.67 6.00 8.15
C TYR A 24 2.01 4.76 7.53
N ILE A 25 2.68 3.62 7.65
CA ILE A 25 2.17 2.37 7.11
C ILE A 25 0.70 2.15 7.52
N SER A 26 0.39 2.48 8.76
CA SER A 26 -0.97 2.32 9.28
C SER A 26 -1.99 2.87 8.29
N ALA A 27 -1.73 4.08 7.80
CA ALA A 27 -2.64 4.72 6.84
C ALA A 27 -2.79 3.86 5.58
N LEU A 28 -1.67 3.44 5.02
CA LEU A 28 -1.69 2.62 3.81
C LEU A 28 -2.54 1.37 4.02
N ARG A 29 -2.40 0.74 5.17
CA ARG A 29 -3.16 -0.47 5.48
C ARG A 29 -4.66 -0.19 5.44
N ILE A 30 -5.04 1.04 5.81
CA ILE A 30 -6.45 1.43 5.81
C ILE A 30 -6.95 1.67 4.39
N HIS A 31 -6.10 2.28 3.57
CA HIS A 31 -6.46 2.57 2.18
C HIS A 31 -6.54 1.28 1.37
N GLN A 32 -5.56 0.39 1.57
CA GLN A 32 -5.52 -0.87 0.85
C GLN A 32 -6.89 -1.55 0.86
N ARG A 33 -7.67 -1.30 1.90
CA ARG A 33 -8.99 -1.88 2.03
C ARG A 33 -9.82 -1.65 0.77
N VAL A 34 -9.66 -0.47 0.17
CA VAL A 34 -10.39 -0.12 -1.04
C VAL A 34 -10.07 -1.09 -2.16
N HIS A 35 -8.87 -1.63 -2.15
CA HIS A 35 -8.44 -2.58 -3.18
C HIS A 35 -9.01 -3.97 -2.90
N MET A 36 -9.23 -4.27 -1.63
CA MET A 36 -9.77 -5.56 -1.24
C MET A 36 -11.14 -5.80 -1.88
N GLY A 37 -11.48 -7.07 -2.06
CA GLY A 37 -12.75 -7.42 -2.67
C GLY A 37 -13.44 -8.57 -1.98
N GLU A 38 -13.58 -8.48 -0.67
CA GLU A 38 -14.22 -9.53 0.12
C GLU A 38 -15.73 -9.47 -0.02
N LYS A 39 -16.40 -10.55 0.35
CA LYS A 39 -17.85 -10.63 0.26
C LYS A 39 -18.46 -11.02 1.61
N CYS A 40 -17.72 -11.80 2.38
CA CYS A 40 -18.18 -12.23 3.70
C CYS A 40 -18.84 -11.08 4.46
N SER A 41 -18.09 -10.00 4.63
CA SER A 41 -18.59 -8.83 5.35
C SER A 41 -19.92 -8.37 4.76
N GLY A 42 -19.95 -8.20 3.43
CA GLY A 42 -21.16 -7.76 2.77
C GLY A 42 -21.07 -6.32 2.29
N PRO A 43 -21.73 -6.03 1.15
CA PRO A 43 -21.72 -4.69 0.57
C PRO A 43 -22.53 -3.70 1.40
N SER A 44 -23.76 -4.07 1.72
CA SER A 44 -24.64 -3.21 2.51
C SER A 44 -24.99 -1.95 1.74
N SER A 45 -25.21 -2.08 0.44
CA SER A 45 -25.55 -0.96 -0.41
C SER A 45 -26.51 -0.01 0.30
N GLY A 46 -26.33 1.29 0.07
CA GLY A 46 -27.19 2.27 0.70
C GLY A 46 -26.55 3.65 0.75
ZN ZN B . -3.86 1.80 -3.39
N GLY A 1 20.60 -1.41 20.66
CA GLY A 1 19.77 -1.20 21.83
C GLY A 1 19.91 0.20 22.39
N SER A 2 20.89 0.39 23.27
CA SER A 2 21.12 1.69 23.89
C SER A 2 21.47 2.74 22.84
N SER A 3 22.43 2.41 21.99
CA SER A 3 22.86 3.32 20.93
C SER A 3 22.83 2.63 19.57
N GLY A 4 22.69 3.43 18.50
CA GLY A 4 22.66 2.87 17.17
C GLY A 4 21.28 2.36 16.78
N SER A 5 20.58 3.13 15.96
CA SER A 5 19.23 2.77 15.52
C SER A 5 19.19 2.56 14.01
N SER A 6 19.59 1.37 13.58
CA SER A 6 19.60 1.04 12.15
C SER A 6 18.35 0.25 11.77
N GLY A 7 17.82 0.53 10.59
CA GLY A 7 16.63 -0.17 10.12
C GLY A 7 16.28 0.18 8.68
N SER A 8 15.55 -0.71 8.03
CA SER A 8 15.15 -0.50 6.65
C SER A 8 13.76 0.12 6.57
N GLY A 9 13.49 0.85 5.49
CA GLY A 9 12.20 1.48 5.31
C GLY A 9 12.33 2.93 4.90
N GLU A 10 11.78 3.26 3.72
CA GLU A 10 11.84 4.63 3.22
C GLU A 10 11.14 5.59 4.16
N LYS A 11 11.34 6.89 3.94
CA LYS A 11 10.73 7.91 4.78
C LYS A 11 9.22 7.97 4.55
N SER A 12 8.74 7.17 3.61
CA SER A 12 7.31 7.13 3.30
C SER A 12 6.95 5.85 2.57
N HIS A 13 5.78 5.31 2.87
CA HIS A 13 5.32 4.07 2.24
C HIS A 13 4.55 4.38 0.94
N THR A 14 4.53 3.41 0.05
CA THR A 14 3.84 3.58 -1.24
C THR A 14 2.97 2.36 -1.55
N CYS A 15 1.73 2.62 -1.96
CA CYS A 15 0.80 1.55 -2.29
C CYS A 15 1.12 0.95 -3.66
N ASP A 16 1.54 -0.31 -3.65
CA ASP A 16 1.89 -1.01 -4.89
C ASP A 16 0.64 -1.31 -5.71
N GLU A 17 -0.53 -1.21 -5.07
CA GLU A 17 -1.80 -1.46 -5.75
C GLU A 17 -2.13 -0.36 -6.73
N CYS A 18 -1.94 0.89 -6.30
CA CYS A 18 -2.22 2.04 -7.16
C CYS A 18 -0.98 2.92 -7.30
N GLY A 19 -0.25 3.08 -6.20
CA GLY A 19 0.96 3.90 -6.22
C GLY A 19 0.86 5.09 -5.29
N LYS A 20 -0.11 5.06 -4.39
CA LYS A 20 -0.32 6.15 -3.44
C LYS A 20 0.87 6.27 -2.49
N ASN A 21 0.75 7.17 -1.52
CA ASN A 21 1.83 7.38 -0.55
C ASN A 21 1.25 7.53 0.86
N PHE A 22 1.97 6.98 1.84
CA PHE A 22 1.55 7.05 3.23
C PHE A 22 2.74 6.97 4.17
N CYS A 23 3.03 8.08 4.85
CA CYS A 23 4.15 8.14 5.78
C CYS A 23 4.08 6.98 6.78
N TYR A 24 2.88 6.71 7.29
CA TYR A 24 2.68 5.63 8.25
C TYR A 24 2.01 4.43 7.60
N ILE A 25 2.58 3.26 7.82
CA ILE A 25 2.03 2.03 7.26
C ILE A 25 0.55 1.88 7.59
N SER A 26 0.18 2.27 8.81
CA SER A 26 -1.21 2.18 9.26
C SER A 26 -2.15 2.78 8.21
N ALA A 27 -1.83 3.99 7.77
CA ALA A 27 -2.65 4.66 6.77
C ALA A 27 -2.84 3.80 5.52
N LEU A 28 -1.73 3.30 4.99
CA LEU A 28 -1.77 2.46 3.80
C LEU A 28 -2.72 1.27 4.00
N ARG A 29 -2.60 0.63 5.15
CA ARG A 29 -3.45 -0.52 5.46
C ARG A 29 -4.93 -0.13 5.41
N ILE A 30 -5.22 1.10 5.78
CA ILE A 30 -6.60 1.59 5.77
C ILE A 30 -7.07 1.87 4.35
N HIS A 31 -6.18 2.42 3.53
CA HIS A 31 -6.50 2.74 2.15
C HIS A 31 -6.66 1.47 1.32
N GLN A 32 -5.81 0.49 1.58
CA GLN A 32 -5.86 -0.77 0.85
C GLN A 32 -7.28 -1.36 0.87
N ARG A 33 -8.06 -0.96 1.87
CA ARG A 33 -9.43 -1.43 2.00
C ARG A 33 -10.22 -1.19 0.73
N VAL A 34 -9.77 -0.23 -0.07
CA VAL A 34 -10.43 0.11 -1.32
C VAL A 34 -10.06 -0.88 -2.42
N HIS A 35 -8.86 -1.45 -2.32
CA HIS A 35 -8.39 -2.41 -3.31
C HIS A 35 -9.01 -3.78 -3.07
N MET A 36 -9.48 -4.02 -1.84
CA MET A 36 -10.10 -5.28 -1.49
C MET A 36 -11.61 -5.21 -1.63
N GLY A 37 -12.23 -6.35 -1.93
CA GLY A 37 -13.68 -6.39 -2.09
C GLY A 37 -14.35 -7.25 -1.04
N GLU A 38 -13.73 -8.37 -0.71
CA GLU A 38 -14.28 -9.28 0.29
C GLU A 38 -13.47 -9.25 1.57
N LYS A 39 -14.15 -9.30 2.71
CA LYS A 39 -13.48 -9.28 4.01
C LYS A 39 -13.79 -10.54 4.81
N CYS A 40 -12.74 -11.26 5.20
CA CYS A 40 -12.91 -12.49 5.98
C CYS A 40 -11.56 -13.02 6.43
N SER A 41 -11.45 -13.31 7.73
CA SER A 41 -10.20 -13.83 8.28
C SER A 41 -10.46 -15.11 9.08
N GLY A 42 -11.44 -15.05 9.99
CA GLY A 42 -11.77 -16.20 10.80
C GLY A 42 -10.62 -16.62 11.70
N PRO A 43 -10.96 -17.13 12.90
CA PRO A 43 -9.97 -17.57 13.88
C PRO A 43 -9.24 -18.84 13.44
N SER A 44 -7.92 -18.76 13.35
CA SER A 44 -7.11 -19.90 12.94
C SER A 44 -6.68 -20.72 14.14
N SER A 45 -7.65 -21.13 14.95
CA SER A 45 -7.37 -21.93 16.14
C SER A 45 -8.35 -23.09 16.26
N GLY A 46 -8.09 -23.98 17.20
CA GLY A 46 -8.96 -25.13 17.40
C GLY A 46 -8.27 -26.44 17.08
ZN ZN B . -3.81 1.87 -3.23
N GLY A 1 31.50 -1.43 -1.11
CA GLY A 1 32.32 -1.55 -2.29
C GLY A 1 32.12 -0.38 -3.25
N SER A 2 32.14 -0.67 -4.54
CA SER A 2 31.97 0.36 -5.56
C SER A 2 30.50 0.69 -5.76
N SER A 3 29.77 0.80 -4.66
CA SER A 3 28.34 1.11 -4.71
C SER A 3 27.82 1.53 -3.35
N GLY A 4 26.93 2.51 -3.33
CA GLY A 4 26.37 2.99 -2.08
C GLY A 4 25.67 4.33 -2.23
N SER A 5 24.65 4.37 -3.09
CA SER A 5 23.90 5.60 -3.32
C SER A 5 22.40 5.32 -3.35
N SER A 6 21.61 6.35 -3.06
CA SER A 6 20.16 6.22 -3.05
C SER A 6 19.52 7.23 -3.99
N GLY A 7 19.89 8.50 -3.84
CA GLY A 7 19.34 9.54 -4.68
C GLY A 7 18.32 10.39 -3.95
N SER A 8 18.72 11.04 -2.86
CA SER A 8 17.82 11.88 -2.08
C SER A 8 16.43 11.26 -2.03
N GLY A 9 16.36 9.96 -1.82
CA GLY A 9 15.09 9.27 -1.75
C GLY A 9 14.61 9.08 -0.32
N GLU A 10 13.38 9.51 -0.05
CA GLU A 10 12.81 9.38 1.29
C GLU A 10 12.26 7.97 1.52
N LYS A 11 11.83 7.70 2.74
CA LYS A 11 11.28 6.40 3.09
C LYS A 11 9.86 6.53 3.62
N SER A 12 8.95 5.75 3.06
CA SER A 12 7.55 5.77 3.47
C SER A 12 6.77 4.63 2.83
N HIS A 13 5.84 4.06 3.59
CA HIS A 13 5.03 2.96 3.09
C HIS A 13 4.25 3.38 1.84
N THR A 14 4.53 2.71 0.73
CA THR A 14 3.87 3.01 -0.54
C THR A 14 2.99 1.84 -0.98
N CYS A 15 1.79 2.16 -1.44
CA CYS A 15 0.86 1.14 -1.91
C CYS A 15 1.25 0.63 -3.28
N ASP A 16 1.57 -0.66 -3.37
CA ASP A 16 1.98 -1.27 -4.63
C ASP A 16 0.76 -1.52 -5.52
N GLU A 17 -0.42 -1.46 -4.92
CA GLU A 17 -1.66 -1.68 -5.67
C GLU A 17 -1.92 -0.53 -6.64
N CYS A 18 -1.63 0.69 -6.20
CA CYS A 18 -1.83 1.88 -7.03
C CYS A 18 -0.56 2.72 -7.08
N GLY A 19 0.14 2.81 -5.95
CA GLY A 19 1.36 3.59 -5.89
C GLY A 19 1.25 4.76 -4.92
N LYS A 20 0.21 4.73 -4.09
CA LYS A 20 0.01 5.80 -3.11
C LYS A 20 1.11 5.80 -2.06
N ASN A 21 1.21 6.89 -1.31
CA ASN A 21 2.23 7.02 -0.27
C ASN A 21 1.59 7.29 1.08
N PHE A 22 2.07 6.61 2.11
CA PHE A 22 1.55 6.78 3.46
C PHE A 22 2.68 6.71 4.50
N CYS A 23 2.96 7.83 5.14
CA CYS A 23 4.01 7.89 6.15
C CYS A 23 3.80 6.83 7.22
N TYR A 24 2.55 6.64 7.62
CA TYR A 24 2.22 5.65 8.65
C TYR A 24 1.50 4.45 8.03
N ILE A 25 2.10 3.28 8.14
CA ILE A 25 1.52 2.07 7.60
C ILE A 25 0.02 2.01 7.89
N SER A 26 -0.36 2.29 9.13
CA SER A 26 -1.75 2.26 9.54
C SER A 26 -2.64 2.88 8.45
N ALA A 27 -2.21 4.02 7.93
CA ALA A 27 -2.96 4.72 6.89
C ALA A 27 -3.08 3.86 5.63
N LEU A 28 -1.94 3.33 5.18
CA LEU A 28 -1.92 2.50 3.98
C LEU A 28 -2.96 1.38 4.08
N ARG A 29 -3.00 0.72 5.23
CA ARG A 29 -3.95 -0.37 5.45
C ARG A 29 -5.38 0.10 5.23
N ILE A 30 -5.70 1.27 5.79
CA ILE A 30 -7.03 1.83 5.66
C ILE A 30 -7.37 2.12 4.20
N HIS A 31 -6.38 2.60 3.45
CA HIS A 31 -6.57 2.92 2.04
C HIS A 31 -6.74 1.64 1.22
N GLN A 32 -5.91 0.64 1.49
CA GLN A 32 -5.97 -0.62 0.77
C GLN A 32 -7.42 -1.11 0.66
N ARG A 33 -8.23 -0.78 1.65
CA ARG A 33 -9.63 -1.18 1.67
C ARG A 33 -10.28 -0.92 0.31
N VAL A 34 -9.89 0.17 -0.33
CA VAL A 34 -10.44 0.52 -1.64
C VAL A 34 -10.11 -0.54 -2.68
N HIS A 35 -8.91 -1.12 -2.56
CA HIS A 35 -8.48 -2.15 -3.49
C HIS A 35 -9.21 -3.47 -3.23
N MET A 36 -9.87 -3.56 -2.07
CA MET A 36 -10.61 -4.76 -1.71
C MET A 36 -12.06 -4.66 -2.15
N GLY A 37 -12.26 -4.29 -3.42
CA GLY A 37 -13.62 -4.17 -3.94
C GLY A 37 -13.89 -5.17 -5.04
N GLU A 38 -14.77 -6.13 -4.74
CA GLU A 38 -15.13 -7.16 -5.72
C GLU A 38 -13.89 -7.66 -6.46
N LYS A 39 -12.73 -7.54 -5.82
CA LYS A 39 -11.48 -7.98 -6.42
C LYS A 39 -11.23 -7.27 -7.74
N CYS A 40 -11.47 -5.96 -7.76
CA CYS A 40 -11.26 -5.16 -8.97
C CYS A 40 -9.78 -4.95 -9.24
N SER A 41 -9.06 -6.04 -9.48
CA SER A 41 -7.63 -5.98 -9.75
C SER A 41 -7.37 -5.52 -11.18
N GLY A 42 -7.82 -6.32 -12.14
CA GLY A 42 -7.62 -6.00 -13.54
C GLY A 42 -8.29 -4.69 -13.93
N PRO A 43 -8.50 -4.50 -15.24
CA PRO A 43 -9.14 -3.29 -15.77
C PRO A 43 -10.62 -3.21 -15.42
N SER A 44 -10.94 -2.44 -14.38
CA SER A 44 -12.31 -2.30 -13.93
C SER A 44 -12.77 -0.85 -14.08
N SER A 45 -13.87 -0.65 -14.81
CA SER A 45 -14.41 0.68 -15.02
C SER A 45 -15.57 0.97 -14.07
N GLY A 46 -15.25 1.52 -12.91
CA GLY A 46 -16.27 1.83 -11.93
C GLY A 46 -16.04 1.12 -10.60
ZN ZN B . -3.56 1.71 -3.27
N GLY A 1 18.97 -2.76 -18.74
CA GLY A 1 18.46 -2.78 -17.39
C GLY A 1 18.38 -1.39 -16.79
N SER A 2 17.59 -0.52 -17.41
CA SER A 2 17.43 0.85 -16.93
C SER A 2 16.14 0.99 -16.13
N SER A 3 16.21 1.77 -15.06
CA SER A 3 15.05 1.99 -14.20
C SER A 3 15.24 3.24 -13.33
N GLY A 4 14.17 4.01 -13.19
CA GLY A 4 14.23 5.22 -12.39
C GLY A 4 13.02 5.40 -11.51
N SER A 5 13.06 6.41 -10.64
CA SER A 5 11.96 6.68 -9.73
C SER A 5 11.38 8.08 -9.96
N SER A 6 10.07 8.15 -10.06
CA SER A 6 9.39 9.43 -10.30
C SER A 6 9.18 10.18 -8.98
N GLY A 7 8.65 9.48 -7.98
CA GLY A 7 8.41 10.10 -6.70
C GLY A 7 9.68 10.22 -5.87
N SER A 8 9.68 11.17 -4.94
CA SER A 8 10.85 11.39 -4.07
C SER A 8 10.43 11.37 -2.61
N GLY A 9 10.59 10.21 -1.97
CA GLY A 9 10.24 10.07 -0.57
C GLY A 9 11.38 9.53 0.26
N GLU A 10 11.03 8.84 1.35
CA GLU A 10 12.04 8.27 2.24
C GLU A 10 11.40 7.30 3.23
N LYS A 11 11.87 6.07 3.22
CA LYS A 11 11.35 5.04 4.12
C LYS A 11 9.86 5.23 4.36
N SER A 12 9.13 5.56 3.30
CA SER A 12 7.69 5.78 3.39
C SER A 12 6.93 4.61 2.77
N HIS A 13 5.78 4.29 3.35
CA HIS A 13 4.96 3.19 2.85
C HIS A 13 4.19 3.61 1.60
N THR A 14 4.46 2.95 0.49
CA THR A 14 3.81 3.26 -0.77
C THR A 14 2.93 2.10 -1.23
N CYS A 15 1.73 2.42 -1.72
CA CYS A 15 0.80 1.41 -2.19
C CYS A 15 1.20 0.90 -3.57
N ASP A 16 1.64 -0.35 -3.63
CA ASP A 16 2.06 -0.96 -4.89
C ASP A 16 0.85 -1.21 -5.80
N GLU A 17 -0.33 -1.30 -5.19
CA GLU A 17 -1.55 -1.54 -5.95
C GLU A 17 -1.85 -0.37 -6.88
N CYS A 18 -1.81 0.84 -6.35
CA CYS A 18 -2.07 2.04 -7.14
C CYS A 18 -0.82 2.90 -7.26
N GLY A 19 -0.10 3.04 -6.14
CA GLY A 19 1.11 3.84 -6.14
C GLY A 19 1.03 5.03 -5.21
N LYS A 20 0.09 4.97 -4.26
CA LYS A 20 -0.10 6.05 -3.30
C LYS A 20 1.02 6.05 -2.26
N ASN A 21 1.12 7.15 -1.51
CA ASN A 21 2.14 7.27 -0.48
C ASN A 21 1.52 7.54 0.88
N PHE A 22 2.04 6.87 1.90
CA PHE A 22 1.54 7.01 3.26
C PHE A 22 2.68 6.99 4.27
N CYS A 23 2.93 8.13 4.90
CA CYS A 23 3.99 8.23 5.89
C CYS A 23 3.84 7.17 6.97
N TYR A 24 2.60 6.95 7.41
CA TYR A 24 2.32 5.96 8.43
C TYR A 24 1.64 4.72 7.84
N ILE A 25 2.26 3.57 8.04
CA ILE A 25 1.71 2.32 7.53
C ILE A 25 0.22 2.22 7.80
N SER A 26 -0.18 2.51 9.03
CA SER A 26 -1.58 2.45 9.42
C SER A 26 -2.48 3.00 8.32
N ALA A 27 -2.15 4.21 7.85
CA ALA A 27 -2.92 4.85 6.80
C ALA A 27 -3.03 3.96 5.57
N LEU A 28 -1.89 3.51 5.06
CA LEU A 28 -1.85 2.65 3.89
C LEU A 28 -2.80 1.48 4.05
N ARG A 29 -2.76 0.83 5.21
CA ARG A 29 -3.63 -0.31 5.49
C ARG A 29 -5.09 0.07 5.32
N ILE A 30 -5.46 1.26 5.79
CA ILE A 30 -6.83 1.74 5.69
C ILE A 30 -7.22 1.98 4.23
N HIS A 31 -6.29 2.54 3.46
CA HIS A 31 -6.54 2.81 2.05
C HIS A 31 -6.67 1.53 1.26
N GLN A 32 -5.75 0.59 1.49
CA GLN A 32 -5.77 -0.69 0.79
C GLN A 32 -7.17 -1.29 0.80
N ARG A 33 -7.91 -1.05 1.87
CA ARG A 33 -9.26 -1.57 2.00
C ARG A 33 -10.05 -1.37 0.72
N VAL A 34 -9.74 -0.28 0.01
CA VAL A 34 -10.42 0.03 -1.24
C VAL A 34 -10.11 -1.00 -2.31
N HIS A 35 -8.85 -1.43 -2.36
CA HIS A 35 -8.42 -2.43 -3.33
C HIS A 35 -9.07 -3.78 -3.06
N MET A 36 -9.23 -4.10 -1.78
CA MET A 36 -9.83 -5.36 -1.38
C MET A 36 -11.04 -5.69 -2.25
N GLY A 37 -11.07 -6.92 -2.78
CA GLY A 37 -12.17 -7.33 -3.63
C GLY A 37 -12.94 -8.50 -3.05
N GLU A 38 -12.21 -9.51 -2.60
CA GLU A 38 -12.84 -10.70 -2.02
C GLU A 38 -13.44 -10.39 -0.66
N LYS A 39 -14.72 -9.98 -0.67
CA LYS A 39 -15.41 -9.65 0.58
C LYS A 39 -16.46 -10.71 0.91
N CYS A 40 -16.13 -11.57 1.87
CA CYS A 40 -17.03 -12.63 2.29
C CYS A 40 -18.40 -12.07 2.66
N SER A 41 -19.45 -12.81 2.32
CA SER A 41 -20.82 -12.37 2.61
C SER A 41 -20.90 -11.72 3.99
N GLY A 42 -20.38 -12.41 5.00
CA GLY A 42 -20.40 -11.88 6.35
C GLY A 42 -21.54 -12.46 7.18
N PRO A 43 -21.50 -12.21 8.49
CA PRO A 43 -22.54 -12.69 9.42
C PRO A 43 -23.86 -11.97 9.22
N SER A 44 -23.81 -10.65 9.12
CA SER A 44 -25.02 -9.85 8.94
C SER A 44 -24.66 -8.38 8.71
N SER A 45 -25.23 -7.81 7.65
CA SER A 45 -24.98 -6.41 7.32
C SER A 45 -26.19 -5.54 7.65
N GLY A 46 -25.99 -4.57 8.54
CA GLY A 46 -27.07 -3.69 8.92
C GLY A 46 -26.86 -2.27 8.44
ZN ZN B . -3.68 1.71 -3.46
N GLY A 1 23.25 -5.38 21.12
CA GLY A 1 23.76 -4.10 21.59
C GLY A 1 24.34 -3.26 20.47
N SER A 2 25.23 -3.86 19.69
CA SER A 2 25.86 -3.15 18.58
C SER A 2 24.81 -2.59 17.62
N SER A 3 25.01 -1.35 17.19
CA SER A 3 24.09 -0.69 16.28
C SER A 3 24.65 0.64 15.81
N GLY A 4 24.41 0.95 14.53
CA GLY A 4 24.90 2.21 13.98
C GLY A 4 24.05 2.70 12.83
N SER A 5 22.75 2.88 13.10
CA SER A 5 21.82 3.36 12.08
C SER A 5 21.23 4.71 12.47
N SER A 6 20.72 5.43 11.48
CA SER A 6 20.13 6.75 11.71
C SER A 6 18.65 6.62 12.05
N GLY A 7 18.16 7.52 12.89
CA GLY A 7 16.76 7.50 13.28
C GLY A 7 15.94 8.56 12.58
N SER A 8 15.51 8.25 11.35
CA SER A 8 14.72 9.19 10.57
C SER A 8 13.66 8.45 9.74
N GLY A 9 12.65 9.18 9.31
CA GLY A 9 11.58 8.58 8.52
C GLY A 9 11.63 9.00 7.07
N GLU A 10 12.80 8.84 6.44
CA GLU A 10 12.98 9.20 5.05
C GLU A 10 12.09 8.34 4.14
N LYS A 11 12.10 7.04 4.38
CA LYS A 11 11.30 6.11 3.59
C LYS A 11 9.83 6.51 3.61
N SER A 12 9.04 5.88 2.74
CA SER A 12 7.61 6.16 2.66
C SER A 12 6.86 4.99 2.03
N HIS A 13 6.03 4.34 2.83
CA HIS A 13 5.24 3.21 2.36
C HIS A 13 4.44 3.59 1.11
N THR A 14 4.45 2.72 0.10
CA THR A 14 3.74 2.96 -1.13
C THR A 14 2.79 1.81 -1.45
N CYS A 15 1.59 2.15 -1.92
CA CYS A 15 0.59 1.15 -2.27
C CYS A 15 0.88 0.53 -3.63
N ASP A 16 1.26 -0.74 -3.63
CA ASP A 16 1.57 -1.46 -4.87
C ASP A 16 0.31 -1.67 -5.69
N GLU A 17 -0.85 -1.49 -5.06
CA GLU A 17 -2.12 -1.67 -5.74
C GLU A 17 -2.38 -0.54 -6.73
N CYS A 18 -2.13 0.69 -6.29
CA CYS A 18 -2.34 1.87 -7.13
C CYS A 18 -1.05 2.67 -7.26
N GLY A 19 -0.34 2.83 -6.15
CA GLY A 19 0.89 3.58 -6.16
C GLY A 19 0.84 4.81 -5.28
N LYS A 20 -0.09 4.82 -4.34
CA LYS A 20 -0.25 5.94 -3.42
C LYS A 20 0.90 6.00 -2.42
N ASN A 21 0.89 7.02 -1.58
CA ASN A 21 1.94 7.19 -0.58
C ASN A 21 1.33 7.41 0.82
N PHE A 22 1.95 6.81 1.83
CA PHE A 22 1.47 6.95 3.19
C PHE A 22 2.64 6.96 4.18
N CYS A 23 2.86 8.11 4.81
CA CYS A 23 3.94 8.27 5.78
C CYS A 23 3.98 7.08 6.74
N TYR A 24 2.81 6.72 7.27
CA TYR A 24 2.71 5.61 8.20
C TYR A 24 2.03 4.40 7.55
N ILE A 25 2.62 3.23 7.71
CA ILE A 25 2.07 2.00 7.15
C ILE A 25 0.60 1.85 7.52
N SER A 26 0.26 2.23 8.74
CA SER A 26 -1.11 2.13 9.23
C SER A 26 -2.08 2.76 8.24
N ALA A 27 -1.70 3.93 7.72
CA ALA A 27 -2.54 4.64 6.76
C ALA A 27 -2.77 3.81 5.50
N LEU A 28 -1.68 3.31 4.93
CA LEU A 28 -1.75 2.49 3.72
C LEU A 28 -2.77 1.36 3.89
N ARG A 29 -2.69 0.67 5.01
CA ARG A 29 -3.61 -0.43 5.29
C ARG A 29 -5.06 0.03 5.21
N ILE A 30 -5.33 1.19 5.79
CA ILE A 30 -6.67 1.75 5.79
C ILE A 30 -7.13 2.08 4.37
N HIS A 31 -6.22 2.58 3.55
CA HIS A 31 -6.53 2.93 2.18
C HIS A 31 -6.74 1.68 1.33
N GLN A 32 -5.89 0.68 1.54
CA GLN A 32 -5.99 -0.58 0.80
C GLN A 32 -7.41 -1.11 0.81
N ARG A 33 -8.19 -0.68 1.81
CA ARG A 33 -9.57 -1.11 1.94
C ARG A 33 -10.35 -0.86 0.65
N VAL A 34 -9.85 0.07 -0.16
CA VAL A 34 -10.50 0.41 -1.41
C VAL A 34 -10.21 -0.64 -2.49
N HIS A 35 -9.12 -1.36 -2.31
CA HIS A 35 -8.72 -2.39 -3.26
C HIS A 35 -9.36 -3.74 -2.90
N MET A 36 -10.41 -3.68 -2.07
CA MET A 36 -11.11 -4.89 -1.66
C MET A 36 -12.46 -5.01 -2.37
N GLY A 37 -13.09 -6.18 -2.26
CA GLY A 37 -14.37 -6.39 -2.90
C GLY A 37 -15.19 -7.47 -2.20
N GLU A 38 -14.51 -8.53 -1.78
CA GLU A 38 -15.18 -9.63 -1.10
C GLU A 38 -14.50 -9.95 0.23
N LYS A 39 -13.18 -10.08 0.20
CA LYS A 39 -12.41 -10.38 1.40
C LYS A 39 -12.44 -9.21 2.37
N CYS A 40 -12.79 -9.48 3.62
CA CYS A 40 -12.84 -8.45 4.65
C CYS A 40 -13.05 -9.07 6.03
N SER A 41 -12.39 -8.48 7.03
CA SER A 41 -12.50 -8.98 8.40
C SER A 41 -13.68 -8.35 9.12
N GLY A 42 -14.68 -9.15 9.43
CA GLY A 42 -15.86 -8.65 10.11
C GLY A 42 -16.39 -7.38 9.49
N PRO A 43 -16.91 -7.49 8.26
CA PRO A 43 -17.46 -6.35 7.53
C PRO A 43 -18.77 -5.84 8.14
N SER A 44 -19.04 -4.56 7.97
CA SER A 44 -20.25 -3.96 8.50
C SER A 44 -20.80 -2.90 7.55
N SER A 45 -22.13 -2.82 7.46
CA SER A 45 -22.78 -1.85 6.58
C SER A 45 -23.19 -0.60 7.36
N GLY A 46 -22.62 0.54 6.96
CA GLY A 46 -22.93 1.79 7.62
C GLY A 46 -21.81 2.80 7.52
ZN ZN B . -4.03 1.79 -3.36
N GLY A 1 22.18 -15.73 -2.03
CA GLY A 1 21.20 -14.99 -1.25
C GLY A 1 21.84 -13.96 -0.36
N SER A 2 21.02 -13.31 0.47
CA SER A 2 21.51 -12.27 1.38
C SER A 2 20.74 -12.31 2.70
N SER A 3 21.33 -11.70 3.73
CA SER A 3 20.71 -11.66 5.04
C SER A 3 19.66 -10.55 5.12
N GLY A 4 18.80 -10.62 6.13
CA GLY A 4 17.76 -9.62 6.29
C GLY A 4 18.26 -8.36 6.96
N SER A 5 18.49 -7.32 6.17
CA SER A 5 18.99 -6.05 6.70
C SER A 5 18.03 -4.91 6.37
N SER A 6 17.60 -4.84 5.12
CA SER A 6 16.68 -3.80 4.67
C SER A 6 15.46 -3.72 5.58
N GLY A 7 15.15 -2.51 6.03
CA GLY A 7 14.01 -2.32 6.91
C GLY A 7 13.94 -0.92 7.48
N SER A 8 13.63 0.06 6.62
CA SER A 8 13.54 1.45 7.04
C SER A 8 12.09 1.92 7.05
N GLY A 9 11.70 2.58 8.13
CA GLY A 9 10.34 3.08 8.25
C GLY A 9 10.18 4.47 7.67
N GLU A 10 11.07 5.38 8.06
CA GLU A 10 11.03 6.76 7.58
C GLU A 10 10.56 6.81 6.13
N LYS A 11 11.07 5.90 5.32
CA LYS A 11 10.71 5.85 3.90
C LYS A 11 9.19 5.83 3.73
N SER A 12 8.67 6.82 3.01
CA SER A 12 7.24 6.92 2.78
C SER A 12 6.72 5.72 1.99
N HIS A 13 5.85 4.94 2.63
CA HIS A 13 5.28 3.76 1.99
C HIS A 13 4.45 4.13 0.77
N THR A 14 4.45 3.27 -0.24
CA THR A 14 3.70 3.53 -1.46
C THR A 14 2.83 2.33 -1.83
N CYS A 15 1.55 2.58 -2.07
CA CYS A 15 0.61 1.53 -2.43
C CYS A 15 0.96 0.94 -3.80
N ASP A 16 1.38 -0.33 -3.80
CA ASP A 16 1.75 -1.01 -5.03
C ASP A 16 0.51 -1.32 -5.87
N GLU A 17 -0.65 -1.34 -5.21
CA GLU A 17 -1.90 -1.62 -5.90
C GLU A 17 -2.25 -0.51 -6.89
N CYS A 18 -2.21 0.73 -6.42
CA CYS A 18 -2.51 1.88 -7.25
C CYS A 18 -1.28 2.76 -7.44
N GLY A 19 -0.55 2.99 -6.35
CA GLY A 19 0.65 3.81 -6.43
C GLY A 19 0.59 4.99 -5.49
N LYS A 20 -0.40 5.00 -4.59
CA LYS A 20 -0.56 6.07 -3.63
C LYS A 20 0.66 6.19 -2.71
N ASN A 21 0.63 7.16 -1.82
CA ASN A 21 1.72 7.37 -0.88
C ASN A 21 1.21 7.54 0.54
N PHE A 22 1.98 7.04 1.50
CA PHE A 22 1.59 7.13 2.91
C PHE A 22 2.82 7.12 3.81
N CYS A 23 3.06 8.25 4.48
CA CYS A 23 4.21 8.38 5.37
C CYS A 23 4.24 7.24 6.38
N TYR A 24 3.08 6.92 6.94
CA TYR A 24 2.98 5.85 7.92
C TYR A 24 2.28 4.63 7.33
N ILE A 25 2.93 3.47 7.45
CA ILE A 25 2.37 2.23 6.92
C ILE A 25 0.91 2.07 7.33
N SER A 26 0.64 2.27 8.62
CA SER A 26 -0.71 2.14 9.14
C SER A 26 -1.73 2.76 8.19
N ALA A 27 -1.41 3.92 7.66
CA ALA A 27 -2.29 4.61 6.72
C ALA A 27 -2.53 3.78 5.47
N LEU A 28 -1.43 3.36 4.83
CA LEU A 28 -1.52 2.55 3.62
C LEU A 28 -2.48 1.38 3.82
N ARG A 29 -2.33 0.68 4.93
CA ARG A 29 -3.18 -0.47 5.24
C ARG A 29 -4.65 -0.06 5.23
N ILE A 30 -4.95 1.08 5.83
CA ILE A 30 -6.33 1.59 5.89
C ILE A 30 -6.85 1.88 4.49
N HIS A 31 -6.00 2.42 3.64
CA HIS A 31 -6.38 2.76 2.27
C HIS A 31 -6.58 1.50 1.44
N GLN A 32 -5.65 0.57 1.53
CA GLN A 32 -5.72 -0.68 0.79
C GLN A 32 -7.15 -1.26 0.84
N ARG A 33 -7.85 -0.98 1.94
CA ARG A 33 -9.21 -1.47 2.12
C ARG A 33 -10.03 -1.25 0.86
N VAL A 34 -9.83 -0.11 0.21
CA VAL A 34 -10.56 0.23 -1.01
C VAL A 34 -10.30 -0.81 -2.10
N HIS A 35 -9.07 -1.35 -2.12
CA HIS A 35 -8.70 -2.35 -3.10
C HIS A 35 -9.37 -3.69 -2.81
N MET A 36 -9.56 -3.96 -1.52
CA MET A 36 -10.18 -5.22 -1.09
C MET A 36 -11.56 -5.38 -1.72
N GLY A 37 -11.80 -6.56 -2.30
CA GLY A 37 -13.08 -6.82 -2.94
C GLY A 37 -13.12 -6.34 -4.37
N GLU A 38 -12.72 -7.20 -5.29
CA GLU A 38 -12.71 -6.87 -6.71
C GLU A 38 -12.81 -8.12 -7.57
N LYS A 39 -13.39 -7.98 -8.75
CA LYS A 39 -13.56 -9.10 -9.67
C LYS A 39 -13.90 -10.38 -8.92
N CYS A 40 -14.78 -10.26 -7.93
CA CYS A 40 -15.19 -11.41 -7.13
C CYS A 40 -14.03 -12.37 -6.93
N SER A 41 -12.85 -11.83 -6.62
CA SER A 41 -11.67 -12.64 -6.40
C SER A 41 -11.38 -12.82 -4.91
N GLY A 42 -12.04 -13.81 -4.32
CA GLY A 42 -11.85 -14.06 -2.89
C GLY A 42 -11.02 -15.30 -2.64
N PRO A 43 -9.68 -15.11 -2.55
CA PRO A 43 -8.74 -16.20 -2.31
C PRO A 43 -8.85 -16.76 -0.89
N SER A 44 -8.86 -18.09 -0.78
CA SER A 44 -8.96 -18.74 0.51
C SER A 44 -7.59 -19.18 1.01
N SER A 45 -7.41 -19.17 2.33
CA SER A 45 -6.13 -19.56 2.92
C SER A 45 -6.09 -21.07 3.14
N GLY A 46 -5.61 -21.79 2.13
CA GLY A 46 -5.51 -23.24 2.23
C GLY A 46 -4.99 -23.88 0.96
ZN ZN B . -4.01 1.69 -3.36
N GLY A 1 23.18 -8.53 10.78
CA GLY A 1 23.71 -7.18 10.92
C GLY A 1 23.70 -6.42 9.61
N SER A 2 24.78 -5.71 9.33
CA SER A 2 24.89 -4.92 8.11
C SER A 2 24.62 -5.78 6.88
N SER A 3 23.56 -5.46 6.16
CA SER A 3 23.19 -6.22 4.96
C SER A 3 22.90 -5.27 3.79
N GLY A 4 23.74 -4.25 3.65
CA GLY A 4 23.56 -3.29 2.57
C GLY A 4 22.65 -2.14 2.97
N SER A 5 21.35 -2.31 2.73
CA SER A 5 20.38 -1.27 3.05
C SER A 5 20.00 -1.33 4.53
N SER A 6 20.43 -0.33 5.29
CA SER A 6 20.13 -0.27 6.72
C SER A 6 20.48 1.10 7.29
N GLY A 7 20.19 1.30 8.57
CA GLY A 7 20.48 2.57 9.21
C GLY A 7 19.23 3.41 9.41
N SER A 8 18.80 4.08 8.35
CA SER A 8 17.62 4.94 8.41
C SER A 8 16.62 4.57 7.32
N GLY A 9 15.35 4.51 7.68
CA GLY A 9 14.31 4.17 6.72
C GLY A 9 14.02 5.31 5.76
N GLU A 10 13.66 6.46 6.31
CA GLU A 10 13.35 7.63 5.49
C GLU A 10 12.68 7.22 4.19
N LYS A 11 11.79 6.23 4.27
CA LYS A 11 11.08 5.74 3.09
C LYS A 11 9.57 5.81 3.29
N SER A 12 8.88 6.52 2.41
CA SER A 12 7.44 6.66 2.50
C SER A 12 6.74 5.46 1.88
N HIS A 13 5.89 4.80 2.67
CA HIS A 13 5.16 3.63 2.19
C HIS A 13 4.33 3.98 0.96
N THR A 14 4.55 3.22 -0.12
CA THR A 14 3.82 3.45 -1.37
C THR A 14 2.97 2.25 -1.73
N CYS A 15 1.69 2.49 -2.00
CA CYS A 15 0.77 1.42 -2.36
C CYS A 15 1.08 0.89 -3.77
N ASP A 16 1.51 -0.36 -3.83
CA ASP A 16 1.85 -0.99 -5.10
C ASP A 16 0.58 -1.27 -5.91
N GLU A 17 -0.56 -1.28 -5.24
CA GLU A 17 -1.84 -1.54 -5.88
C GLU A 17 -2.20 -0.42 -6.86
N CYS A 18 -2.13 0.82 -6.37
CA CYS A 18 -2.44 1.98 -7.19
C CYS A 18 -1.22 2.88 -7.36
N GLY A 19 -0.48 3.07 -6.27
CA GLY A 19 0.70 3.91 -6.32
C GLY A 19 0.60 5.12 -5.42
N LYS A 20 -0.20 5.00 -4.36
CA LYS A 20 -0.38 6.10 -3.42
C LYS A 20 0.82 6.21 -2.48
N ASN A 21 0.71 7.11 -1.51
CA ASN A 21 1.79 7.32 -0.55
C ASN A 21 1.24 7.48 0.87
N PHE A 22 1.94 6.89 1.84
CA PHE A 22 1.52 6.96 3.23
C PHE A 22 2.72 6.89 4.17
N CYS A 23 3.01 7.99 4.84
CA CYS A 23 4.14 8.04 5.77
C CYS A 23 4.03 6.95 6.82
N TYR A 24 2.81 6.71 7.29
CA TYR A 24 2.58 5.68 8.30
C TYR A 24 1.81 4.50 7.72
N ILE A 25 2.36 3.31 7.89
CA ILE A 25 1.73 2.09 7.39
C ILE A 25 0.25 2.05 7.73
N SER A 26 -0.07 2.37 8.98
CA SER A 26 -1.45 2.37 9.45
C SER A 26 -2.38 2.98 8.39
N ALA A 27 -1.99 4.14 7.88
CA ALA A 27 -2.78 4.84 6.87
C ALA A 27 -2.96 3.97 5.63
N LEU A 28 -1.83 3.48 5.10
CA LEU A 28 -1.86 2.64 3.90
C LEU A 28 -2.79 1.45 4.10
N ARG A 29 -2.72 0.84 5.28
CA ARG A 29 -3.56 -0.32 5.58
C ARG A 29 -5.04 0.04 5.49
N ILE A 30 -5.36 1.28 5.83
CA ILE A 30 -6.74 1.75 5.77
C ILE A 30 -7.20 1.96 4.33
N HIS A 31 -6.31 2.50 3.50
CA HIS A 31 -6.62 2.74 2.10
C HIS A 31 -6.76 1.42 1.34
N GLN A 32 -5.77 0.55 1.50
CA GLN A 32 -5.77 -0.74 0.84
C GLN A 32 -7.17 -1.36 0.83
N ARG A 33 -7.92 -1.09 1.90
CA ARG A 33 -9.28 -1.62 2.03
C ARG A 33 -10.05 -1.47 0.72
N VAL A 34 -9.91 -0.31 0.09
CA VAL A 34 -10.59 -0.03 -1.17
C VAL A 34 -10.23 -1.07 -2.23
N HIS A 35 -8.95 -1.48 -2.23
CA HIS A 35 -8.48 -2.47 -3.19
C HIS A 35 -9.11 -3.83 -2.93
N MET A 36 -9.34 -4.14 -1.65
CA MET A 36 -9.94 -5.41 -1.26
C MET A 36 -11.14 -5.73 -2.14
N GLY A 37 -11.17 -6.95 -2.69
CA GLY A 37 -12.27 -7.36 -3.54
C GLY A 37 -13.61 -6.83 -3.05
N GLU A 38 -13.95 -7.16 -1.81
CA GLU A 38 -15.22 -6.72 -1.23
C GLU A 38 -15.59 -5.33 -1.73
N LYS A 39 -16.51 -5.28 -2.68
CA LYS A 39 -16.96 -4.02 -3.25
C LYS A 39 -18.11 -4.23 -4.23
N CYS A 40 -19.06 -3.31 -4.23
CA CYS A 40 -20.21 -3.41 -5.13
C CYS A 40 -19.77 -3.42 -6.58
N SER A 41 -20.00 -4.55 -7.26
CA SER A 41 -19.63 -4.69 -8.66
C SER A 41 -20.72 -4.15 -9.58
N GLY A 42 -20.31 -3.60 -10.71
CA GLY A 42 -21.26 -3.05 -11.66
C GLY A 42 -21.35 -1.55 -11.60
N PRO A 43 -22.38 -0.98 -12.24
CA PRO A 43 -22.60 0.47 -12.27
C PRO A 43 -23.02 1.02 -10.92
N SER A 44 -22.04 1.34 -10.08
CA SER A 44 -22.30 1.88 -8.75
C SER A 44 -22.63 3.37 -8.82
N SER A 45 -21.67 4.15 -9.30
CA SER A 45 -21.86 5.60 -9.41
C SER A 45 -21.46 6.09 -10.79
N GLY A 46 -21.85 5.33 -11.82
CA GLY A 46 -21.52 5.70 -13.19
C GLY A 46 -20.85 4.58 -13.95
ZN ZN B . -3.72 1.72 -3.46
#